data_6FCR
#
_entry.id   6FCR
#
_cell.length_a   166.703
_cell.length_b   166.703
_cell.length_c   55.378
_cell.angle_alpha   90.00
_cell.angle_beta   90.00
_cell.angle_gamma   120.00
#
_symmetry.space_group_name_H-M   'P 63'
#
loop_
_entity.id
_entity.type
_entity.pdbx_description
1 polymer 'Soluble lytic murein transglycosylase'
2 polymer ALA-DGL-API-DAL
3 branched '2-acetamido-2-deoxy-beta-D-glucopyranose-(1-4)-N-acetyl-beta-muramic acid-(1-4)-2-acetamido-2-deoxy-beta-D-glucopyranose'
4 non-polymer GLYCEROL
5 non-polymer 'ACETATE ION'
6 non-polymer '2-(2-ACETYLAMINO-4-HYDROXY-6,8-DIOXA-BICYCLO[3.2.1]OCT-3-YLOXY)-PROPIONIC ACID'
7 water water
#
loop_
_entity_poly.entity_id
_entity_poly.type
_entity_poly.pdbx_seq_one_letter_code
_entity_poly.pdbx_strand_id
1 'polypeptide(L)'
;QRRLYDQAKAALAKGNSAPYMASRSALRDYPLEPYLAYDELTHRLKSASNEEVERFLTEHGDLPQIGWLKLRWLRLLADR
GDWKTFVNYYDPKLNFTELDCLYGQYQLGHGQKAEGYATSERLWLVGKSQPAACDTLFGLWQGEGQLTEEKVWKRLKLAA
EARNYSLASHLAQRLPTLGNQGALMVSVAQNPAQLSQTGRFSQRDHATADVVGLGLRRLARQDPEKALSLLDYYSSALPF
SSDEKVAIAREIGLSLAKRFDPRALPLMTQYDPGLRDNTVTEWRTRLLLRLGRWDEAYALTRKLPQDLAATSRWRYWQAR
SLQLAQPNSKEPIALYQKLAGERDFYGFLAADRLSVPYKLGNRPAHIDPRVLQRVRNAASTRRAMEFFNRGEVINARREW
YHAARLFDRDELIAQARLAYDMQWYFPAIRSISQAQYWDDLDIRFPMAHRATLVREAKNRGLHSSWIFAITRQQSAFMSD
ARSGVGATGLMQLMPGTAKETSRKFGIPLASTQQLIVPDVNIRLGAAYLSQVHSQFNGNRVLASAAYNAGPGRVRQWLKD
TRHLAFDVWIETIPFDETRQYVQNVLSYAVIYGQKLNAPQPIVDWHERYFDDF
;
A
2 'polypeptide(D)' A(DGL)(API)(DAL) F,G
#
loop_
_chem_comp.id
_chem_comp.type
_chem_comp.name
_chem_comp.formula
ACT non-polymer 'ACETATE ION' 'C2 H3 O2 -1'
AH0 non-polymer '2-(2-ACETYLAMINO-4-HYDROXY-6,8-DIOXA-BICYCLO[3.2.1]OCT-3-YLOXY)-PROPIONIC ACID' 'C11 H17 N O7'
AMU D-saccharide, beta linking 'N-acetyl-beta-muramic acid' 'C11 H19 N O8'
GOL non-polymer GLYCEROL 'C3 H8 O3'
NAG D-saccharide, beta linking 2-acetamido-2-deoxy-beta-D-glucopyranose 'C8 H15 N O6'
#
# COMPACT_ATOMS: atom_id res chain seq x y z
N GLN A 1 37.92 6.51 -21.20
CA GLN A 1 37.50 7.24 -22.43
C GLN A 1 35.95 7.32 -22.51
N ARG A 2 35.33 6.37 -23.19
CA ARG A 2 33.88 6.34 -23.35
C ARG A 2 33.51 4.95 -23.92
N ARG A 3 32.60 4.28 -23.22
CA ARG A 3 32.61 2.81 -23.15
C ARG A 3 31.58 2.08 -24.02
N LEU A 4 32.09 1.34 -24.99
CA LEU A 4 31.33 0.34 -25.75
C LEU A 4 31.28 -0.96 -24.90
N TYR A 5 30.46 -0.89 -23.85
CA TYR A 5 30.21 -2.01 -22.93
C TYR A 5 29.11 -2.93 -23.48
N ASP A 6 28.39 -2.45 -24.50
CA ASP A 6 27.26 -3.19 -25.09
C ASP A 6 27.75 -4.41 -25.86
N GLN A 7 28.99 -4.34 -26.37
CA GLN A 7 29.67 -5.48 -26.98
C GLN A 7 29.73 -6.64 -25.98
N ALA A 8 30.27 -6.36 -24.80
CA ALA A 8 30.41 -7.36 -23.73
C ALA A 8 29.07 -7.84 -23.15
N LYS A 9 28.11 -6.92 -23.01
CA LYS A 9 26.77 -7.23 -22.49
C LYS A 9 25.98 -8.13 -23.46
N ALA A 10 26.13 -7.87 -24.75
CA ALA A 10 25.55 -8.70 -25.80
C ALA A 10 26.19 -10.10 -25.87
N ALA A 11 27.50 -10.18 -25.58
CA ALA A 11 28.21 -11.47 -25.51
C ALA A 11 27.71 -12.36 -24.37
N LEU A 12 27.53 -11.76 -23.19
CA LEU A 12 27.20 -12.52 -21.98
C LEU A 12 25.75 -12.98 -21.97
N ALA A 13 24.83 -12.08 -22.28
CA ALA A 13 23.46 -12.43 -22.60
C ALA A 13 23.41 -12.43 -24.13
N LYS A 14 23.66 -13.56 -24.83
CA LYS A 14 23.80 -14.93 -24.29
C LYS A 14 25.12 -15.59 -24.70
N GLY A 15 25.58 -16.54 -23.87
CA GLY A 15 26.64 -17.46 -24.23
C GLY A 15 28.01 -17.13 -23.70
N ASN A 16 28.73 -16.26 -24.40
CA ASN A 16 30.20 -16.18 -24.29
C ASN A 16 30.74 -14.91 -23.59
N SER A 17 31.76 -15.11 -22.77
CA SER A 17 32.33 -14.03 -21.96
C SER A 17 33.68 -13.49 -22.51
N ALA A 18 34.03 -13.81 -23.75
CA ALA A 18 35.35 -13.47 -24.29
C ALA A 18 35.52 -11.97 -24.53
N PRO A 19 34.50 -11.31 -25.11
CA PRO A 19 34.60 -9.86 -25.16
C PRO A 19 34.74 -9.20 -23.76
N TYR A 20 33.95 -9.62 -22.77
CA TYR A 20 34.10 -9.07 -21.41
C TYR A 20 35.52 -9.23 -20.87
N MET A 21 36.15 -10.38 -21.10
CA MET A 21 37.55 -10.61 -20.67
C MET A 21 38.53 -9.71 -21.42
N ALA A 22 38.35 -9.58 -22.73
CA ALA A 22 39.16 -8.66 -23.54
C ALA A 22 38.97 -7.24 -23.02
N SER A 23 37.72 -6.79 -23.04
CA SER A 23 37.36 -5.45 -22.62
C SER A 23 37.70 -5.13 -21.14
N ARG A 24 37.58 -6.13 -20.25
CA ARG A 24 37.51 -5.92 -18.79
C ARG A 24 38.34 -4.75 -18.24
N SER A 25 39.65 -4.77 -18.53
CA SER A 25 40.60 -3.86 -17.87
C SER A 25 40.59 -2.45 -18.47
N ALA A 26 40.00 -2.28 -19.65
CA ALA A 26 39.59 -0.95 -20.11
C ALA A 26 38.43 -0.39 -19.25
N LEU A 27 37.56 -1.29 -18.75
CA LEU A 27 36.42 -0.90 -17.89
C LEU A 27 36.67 -1.03 -16.37
N ARG A 28 37.93 -1.15 -15.93
CA ARG A 28 38.30 -1.02 -14.51
C ARG A 28 37.62 0.17 -13.81
N ASP A 29 37.52 1.29 -14.54
CA ASP A 29 37.02 2.56 -14.03
C ASP A 29 35.51 2.74 -14.26
N TYR A 30 34.98 2.12 -15.32
CA TYR A 30 33.55 2.21 -15.70
C TYR A 30 32.60 1.65 -14.61
N PRO A 31 31.53 2.38 -14.27
CA PRO A 31 30.68 2.00 -13.13
C PRO A 31 29.76 0.77 -13.31
N LEU A 32 29.23 0.51 -14.51
CA LEU A 32 28.37 -0.68 -14.75
C LEU A 32 29.12 -2.00 -15.02
N GLU A 33 30.45 -1.97 -15.07
CA GLU A 33 31.25 -3.19 -15.24
C GLU A 33 30.78 -4.32 -14.33
N PRO A 34 30.59 -4.07 -13.02
CA PRO A 34 30.21 -5.20 -12.17
C PRO A 34 28.91 -5.93 -12.53
N TYR A 35 28.04 -5.35 -13.38
CA TYR A 35 26.90 -6.11 -13.93
C TYR A 35 27.40 -7.19 -14.91
N LEU A 36 28.51 -6.91 -15.60
CA LEU A 36 29.16 -7.90 -16.47
C LEU A 36 29.81 -9.00 -15.67
N ALA A 37 30.63 -8.61 -14.69
CA ALA A 37 31.22 -9.54 -13.72
C ALA A 37 30.16 -10.47 -13.12
N TYR A 38 29.01 -9.89 -12.77
CA TYR A 38 27.87 -10.59 -12.17
C TYR A 38 27.38 -11.74 -13.06
N ASP A 39 27.05 -11.42 -14.32
CA ASP A 39 26.55 -12.43 -15.27
C ASP A 39 27.60 -13.48 -15.66
N GLU A 40 28.86 -13.04 -15.76
CA GLU A 40 29.99 -13.92 -16.07
C GLU A 40 30.13 -15.00 -15.00
N LEU A 41 30.06 -14.58 -13.74
CA LEU A 41 30.09 -15.49 -12.59
C LEU A 41 28.81 -16.32 -12.48
N THR A 42 27.66 -15.70 -12.73
CA THR A 42 26.37 -16.38 -12.63
C THR A 42 26.20 -17.54 -13.62
N HIS A 43 26.73 -17.40 -14.85
CA HIS A 43 26.60 -18.46 -15.86
C HIS A 43 27.45 -19.69 -15.53
N ARG A 44 28.55 -19.50 -14.80
CA ARG A 44 29.42 -20.61 -14.38
C ARG A 44 29.41 -20.86 -12.87
N LEU A 45 28.28 -20.55 -12.24
CA LEU A 45 28.16 -20.52 -10.78
C LEU A 45 28.32 -21.92 -10.20
N LYS A 46 27.73 -22.89 -10.88
CA LYS A 46 27.74 -24.28 -10.44
C LYS A 46 29.16 -24.86 -10.27
N SER A 47 30.16 -24.28 -10.96
CA SER A 47 31.56 -24.70 -10.83
C SER A 47 32.52 -23.65 -10.22
N ALA A 48 32.04 -22.45 -9.90
CA ALA A 48 32.88 -21.47 -9.22
C ALA A 48 33.17 -21.91 -7.78
N SER A 49 34.38 -21.58 -7.30
CA SER A 49 34.79 -21.90 -5.94
C SER A 49 34.03 -21.06 -4.89
N ASN A 50 34.16 -21.44 -3.62
CA ASN A 50 33.60 -20.67 -2.52
C ASN A 50 34.36 -19.37 -2.44
N GLU A 51 35.67 -19.47 -2.30
CA GLU A 51 36.51 -18.28 -2.15
C GLU A 51 36.27 -17.24 -3.25
N GLU A 52 35.99 -17.67 -4.48
CA GLU A 52 35.63 -16.72 -5.54
C GLU A 52 34.26 -16.05 -5.34
N VAL A 53 33.25 -16.83 -4.96
CA VAL A 53 31.89 -16.29 -4.74
C VAL A 53 31.86 -15.37 -3.51
N GLU A 54 32.40 -15.86 -2.39
CA GLU A 54 32.52 -15.08 -1.15
C GLU A 54 33.19 -13.72 -1.40
N ARG A 55 34.30 -13.76 -2.13
CA ARG A 55 35.05 -12.59 -2.59
C ARG A 55 34.19 -11.64 -3.46
N PHE A 56 33.34 -12.19 -4.32
CA PHE A 56 32.42 -11.37 -5.11
C PHE A 56 31.35 -10.71 -4.24
N LEU A 57 30.88 -11.43 -3.23
CA LEU A 57 29.89 -10.92 -2.29
C LEU A 57 30.46 -9.76 -1.47
N THR A 58 31.72 -9.85 -1.04
CA THR A 58 32.35 -8.73 -0.31
C THR A 58 32.59 -7.50 -1.20
N GLU A 59 33.17 -7.71 -2.37
CA GLU A 59 33.50 -6.59 -3.28
C GLU A 59 32.28 -5.92 -3.90
N HIS A 60 31.21 -6.68 -4.16
CA HIS A 60 30.04 -6.14 -4.87
C HIS A 60 28.72 -6.36 -4.14
N GLY A 61 28.77 -6.55 -2.83
CA GLY A 61 27.55 -6.74 -2.02
C GLY A 61 26.56 -5.56 -1.99
N ASP A 62 26.94 -4.45 -2.63
CA ASP A 62 26.07 -3.30 -2.83
C ASP A 62 25.23 -3.35 -4.10
N LEU A 63 25.34 -4.39 -4.94
CA LEU A 63 24.55 -4.45 -6.19
C LEU A 63 23.09 -4.77 -5.89
N PRO A 64 22.14 -4.11 -6.61
CA PRO A 64 20.71 -4.37 -6.38
C PRO A 64 20.32 -5.82 -6.52
N GLN A 65 20.99 -6.52 -7.45
CA GLN A 65 20.69 -7.92 -7.77
C GLN A 65 21.50 -8.95 -6.96
N ILE A 66 22.31 -8.52 -5.99
CA ILE A 66 23.18 -9.43 -5.25
C ILE A 66 22.42 -10.52 -4.50
N GLY A 67 21.20 -10.22 -4.06
CA GLY A 67 20.35 -11.20 -3.37
C GLY A 67 20.00 -12.43 -4.20
N TRP A 68 19.80 -12.25 -5.51
CA TRP A 68 19.51 -13.38 -6.39
C TRP A 68 20.71 -14.34 -6.53
N LEU A 69 21.92 -13.78 -6.51
CA LEU A 69 23.14 -14.61 -6.49
C LEU A 69 23.23 -15.44 -5.21
N LYS A 70 22.91 -14.81 -4.08
CA LYS A 70 22.90 -15.49 -2.79
C LYS A 70 21.88 -16.63 -2.78
N LEU A 71 20.68 -16.39 -3.32
CA LEU A 71 19.66 -17.43 -3.45
C LEU A 71 20.14 -18.60 -4.32
N ARG A 72 20.66 -18.29 -5.51
CA ARG A 72 21.16 -19.31 -6.43
C ARG A 72 22.34 -20.06 -5.85
N TRP A 73 23.22 -19.36 -5.16
CA TRP A 73 24.42 -19.95 -4.57
C TRP A 73 24.09 -20.81 -3.35
N LEU A 74 23.18 -20.34 -2.51
CA LEU A 74 22.81 -21.08 -1.29
C LEU A 74 22.03 -22.34 -1.60
N ARG A 75 21.28 -22.35 -2.70
CA ARG A 75 20.70 -23.61 -3.19
C ARG A 75 21.78 -24.68 -3.35
N LEU A 76 22.89 -24.31 -4.00
CA LEU A 76 23.99 -25.23 -4.26
C LEU A 76 24.68 -25.66 -2.98
N LEU A 77 24.90 -24.71 -2.07
CA LEU A 77 25.49 -25.01 -0.77
C LEU A 77 24.66 -26.04 0.01
N ALA A 78 23.34 -26.01 -0.16
CA ALA A 78 22.43 -26.95 0.49
C ALA A 78 22.46 -28.31 -0.20
N ASP A 79 22.38 -28.32 -1.53
CA ASP A 79 22.50 -29.56 -2.32
C ASP A 79 23.79 -30.30 -2.02
N ARG A 80 24.89 -29.56 -2.06
CA ARG A 80 26.20 -30.13 -1.76
C ARG A 80 26.39 -30.48 -0.26
N GLY A 81 25.47 -30.06 0.61
CA GLY A 81 25.57 -30.32 2.04
C GLY A 81 26.64 -29.48 2.74
N ASP A 82 27.12 -28.43 2.06
CA ASP A 82 28.10 -27.50 2.63
C ASP A 82 27.33 -26.48 3.47
N TRP A 83 26.91 -26.96 4.64
CA TRP A 83 26.10 -26.18 5.57
C TRP A 83 26.92 -25.14 6.31
N LYS A 84 28.18 -25.44 6.60
CA LYS A 84 29.06 -24.52 7.31
C LYS A 84 29.03 -23.17 6.59
N THR A 85 29.11 -23.21 5.27
CA THR A 85 29.12 -22.01 4.43
C THR A 85 27.71 -21.43 4.20
N PHE A 86 26.70 -22.30 4.11
CA PHE A 86 25.31 -21.86 4.02
C PHE A 86 24.95 -20.90 5.14
N VAL A 87 25.18 -21.34 6.37
CA VAL A 87 24.84 -20.56 7.57
C VAL A 87 25.62 -19.27 7.68
N ASN A 88 26.85 -19.25 7.17
CA ASN A 88 27.61 -17.99 7.12
C ASN A 88 26.94 -16.91 6.28
N TYR A 89 26.15 -17.31 5.27
CA TYR A 89 25.51 -16.36 4.33
C TYR A 89 23.98 -16.31 4.32
N TYR A 90 23.29 -17.25 5.00
CA TYR A 90 21.82 -17.20 5.06
C TYR A 90 21.34 -15.98 5.82
N ASP A 91 20.58 -15.12 5.15
CA ASP A 91 20.06 -13.88 5.71
C ASP A 91 18.54 -13.84 5.61
N PRO A 92 17.81 -13.99 6.75
CA PRO A 92 16.34 -13.92 6.78
C PRO A 92 15.75 -12.70 6.07
N LYS A 93 16.45 -11.57 6.15
CA LYS A 93 16.03 -10.30 5.55
C LYS A 93 16.03 -10.28 4.01
N LEU A 94 16.59 -11.29 3.36
CA LEU A 94 16.34 -11.49 1.93
C LEU A 94 14.87 -11.80 1.60
N ASN A 95 14.11 -12.31 2.56
CA ASN A 95 12.71 -12.73 2.36
C ASN A 95 12.58 -13.77 1.24
N PHE A 96 13.46 -14.77 1.23
CA PHE A 96 13.31 -15.90 0.34
C PHE A 96 12.89 -17.11 1.18
N THR A 97 11.62 -17.51 1.03
CA THR A 97 11.08 -18.65 1.76
C THR A 97 11.79 -19.95 1.39
N GLU A 98 12.27 -20.08 0.15
CA GLU A 98 13.11 -21.22 -0.19
C GLU A 98 14.29 -21.28 0.78
N LEU A 99 15.00 -20.16 0.97
CA LEU A 99 16.14 -20.14 1.91
C LEU A 99 15.74 -20.37 3.36
N ASP A 100 14.60 -19.82 3.80
CA ASP A 100 14.16 -19.97 5.19
C ASP A 100 13.81 -21.44 5.48
N CYS A 101 13.24 -22.12 4.50
CA CYS A 101 12.91 -23.53 4.63
C CYS A 101 14.17 -24.41 4.61
N LEU A 102 15.13 -24.04 3.77
CA LEU A 102 16.44 -24.66 3.80
C LEU A 102 17.14 -24.46 5.14
N TYR A 103 17.05 -23.26 5.70
CA TYR A 103 17.61 -22.98 7.03
C TYR A 103 16.89 -23.78 8.14
N GLY A 104 15.60 -24.05 7.97
CA GLY A 104 14.88 -24.93 8.89
C GLY A 104 15.43 -26.35 8.88
N GLN A 105 15.71 -26.87 7.69
CA GLN A 105 16.31 -28.19 7.55
C GLN A 105 17.66 -28.27 8.25
N TYR A 106 18.48 -27.22 8.10
CA TYR A 106 19.75 -27.11 8.82
C TYR A 106 19.53 -27.23 10.33
N GLN A 107 18.65 -26.37 10.85
CA GLN A 107 18.30 -26.35 12.28
C GLN A 107 17.97 -27.76 12.84
N LEU A 108 17.12 -28.50 12.11
CA LEU A 108 16.72 -29.85 12.53
C LEU A 108 17.84 -30.89 12.40
N GLY A 109 18.65 -30.79 11.36
CA GLY A 109 19.78 -31.70 11.19
C GLY A 109 21.03 -31.37 11.99
N HIS A 110 21.04 -30.27 12.75
CA HIS A 110 22.25 -29.82 13.44
C HIS A 110 21.99 -29.39 14.87
N GLY A 111 21.09 -30.10 15.56
CA GLY A 111 20.84 -29.87 16.99
C GLY A 111 19.77 -28.88 17.39
N GLN A 112 19.63 -27.77 16.66
CA GLN A 112 18.64 -26.72 16.99
C GLN A 112 17.19 -27.18 16.74
N LYS A 113 16.68 -28.02 17.64
CA LYS A 113 15.37 -28.65 17.45
C LYS A 113 14.21 -27.71 17.79
N ALA A 114 14.30 -27.04 18.92
CA ALA A 114 13.33 -26.03 19.31
C ALA A 114 13.16 -24.96 18.24
N GLU A 115 14.28 -24.49 17.71
CA GLU A 115 14.27 -23.39 16.77
C GLU A 115 13.77 -23.88 15.41
N GLY A 116 14.15 -25.08 15.00
CA GLY A 116 13.65 -25.68 13.77
C GLY A 116 12.15 -25.96 13.78
N TYR A 117 11.63 -26.38 14.93
CA TYR A 117 10.18 -26.53 15.13
C TYR A 117 9.49 -25.21 14.95
N ALA A 118 10.03 -24.20 15.62
CA ALA A 118 9.49 -22.84 15.58
C ALA A 118 9.55 -22.25 14.17
N THR A 119 10.66 -22.52 13.45
CA THR A 119 10.83 -22.10 12.06
C THR A 119 9.79 -22.80 11.17
N SER A 120 9.67 -24.12 11.31
CA SER A 120 8.69 -24.89 10.54
C SER A 120 7.23 -24.44 10.79
N GLU A 121 6.88 -24.21 12.06
CA GLU A 121 5.54 -23.74 12.43
C GLU A 121 5.28 -22.35 11.88
N ARG A 122 6.28 -21.48 11.95
CA ARG A 122 6.19 -20.11 11.43
C ARG A 122 5.91 -20.08 9.91
N LEU A 123 6.47 -21.05 9.18
CA LEU A 123 6.27 -21.18 7.72
C LEU A 123 5.10 -22.08 7.35
N TRP A 124 4.69 -22.97 8.25
CA TRP A 124 3.48 -23.78 8.06
C TRP A 124 2.20 -22.96 8.18
N LEU A 125 2.12 -22.07 9.16
CA LEU A 125 0.90 -21.27 9.40
C LEU A 125 0.74 -20.11 8.41
N VAL A 126 0.56 -20.49 7.14
CA VAL A 126 0.52 -19.56 6.02
C VAL A 126 -0.54 -20.11 5.07
N GLY A 127 -1.45 -19.21 4.66
CA GLY A 127 -2.61 -19.60 3.87
C GLY A 127 -2.41 -19.75 2.38
N LYS A 128 -1.15 -19.81 1.93
CA LYS A 128 -0.81 -20.02 0.52
C LYS A 128 0.16 -21.16 0.43
N SER A 129 0.37 -21.65 -0.78
CA SER A 129 1.36 -22.69 -1.05
C SER A 129 2.78 -22.16 -0.88
N GLN A 130 3.68 -23.03 -0.41
CA GLN A 130 5.05 -22.68 -0.15
C GLN A 130 5.94 -23.44 -1.14
N PRO A 131 7.22 -23.00 -1.32
CA PRO A 131 8.20 -23.72 -2.15
C PRO A 131 8.40 -25.21 -1.81
N ALA A 132 8.87 -25.96 -2.79
CA ALA A 132 9.24 -27.38 -2.61
C ALA A 132 10.22 -27.60 -1.46
N ALA A 133 11.15 -26.67 -1.24
CA ALA A 133 12.08 -26.74 -0.11
C ALA A 133 11.37 -26.90 1.23
N CYS A 134 10.17 -26.34 1.34
CA CYS A 134 9.36 -26.42 2.55
C CYS A 134 8.65 -27.75 2.74
N ASP A 135 8.35 -28.46 1.66
CA ASP A 135 7.83 -29.83 1.77
C ASP A 135 8.80 -30.76 2.48
N THR A 136 10.05 -30.67 2.08
CA THR A 136 11.10 -31.38 2.77
C THR A 136 11.10 -31.01 4.27
N LEU A 137 11.05 -29.71 4.58
CA LEU A 137 10.99 -29.26 5.96
C LEU A 137 9.74 -29.73 6.70
N PHE A 138 8.57 -29.60 6.09
CA PHE A 138 7.31 -30.05 6.72
C PHE A 138 7.23 -31.58 6.84
N GLY A 139 7.95 -32.29 5.96
CA GLY A 139 8.11 -33.74 6.06
C GLY A 139 8.89 -34.12 7.30
N LEU A 140 10.07 -33.50 7.47
CA LEU A 140 10.92 -33.72 8.65
C LEU A 140 10.18 -33.39 9.96
N TRP A 141 9.51 -32.25 9.97
CA TRP A 141 8.78 -31.71 11.12
C TRP A 141 7.66 -32.63 11.56
N GLN A 142 6.94 -33.15 10.56
CA GLN A 142 5.92 -34.18 10.74
C GLN A 142 6.50 -35.47 11.31
N GLY A 143 7.64 -35.92 10.75
CA GLY A 143 8.34 -37.11 11.23
C GLY A 143 8.89 -37.06 12.65
N GLU A 144 8.82 -35.89 13.30
CA GLU A 144 9.06 -35.76 14.74
C GLU A 144 7.77 -35.42 15.49
N GLY A 145 6.64 -35.84 14.91
CA GLY A 145 5.34 -35.75 15.55
C GLY A 145 4.87 -34.37 15.97
N GLN A 146 5.31 -33.35 15.25
CA GLN A 146 4.93 -31.97 15.56
C GLN A 146 3.73 -31.52 14.74
N LEU A 147 3.47 -32.18 13.61
CA LEU A 147 2.36 -31.82 12.73
C LEU A 147 1.02 -32.36 13.25
N THR A 148 0.49 -31.71 14.28
CA THR A 148 -0.72 -32.15 14.97
C THR A 148 -1.97 -31.76 14.16
N GLU A 149 -3.10 -32.42 14.44
CA GLU A 149 -4.36 -32.11 13.76
C GLU A 149 -4.78 -30.66 13.96
N GLU A 150 -4.49 -30.09 15.13
CA GLU A 150 -4.76 -28.67 15.42
C GLU A 150 -4.07 -27.72 14.43
N LYS A 151 -2.84 -28.04 14.05
CA LYS A 151 -2.02 -27.18 13.19
C LYS A 151 -2.35 -27.28 11.70
N VAL A 152 -2.66 -28.49 11.24
CA VAL A 152 -3.26 -28.66 9.91
C VAL A 152 -4.66 -28.01 9.82
N TRP A 153 -5.39 -28.00 10.94
CA TRP A 153 -6.66 -27.27 11.00
C TRP A 153 -6.42 -25.76 10.91
N LYS A 154 -5.44 -25.26 11.66
CA LYS A 154 -5.16 -23.82 11.70
C LYS A 154 -4.71 -23.30 10.33
N ARG A 155 -3.84 -24.07 9.65
CA ARG A 155 -3.43 -23.72 8.28
C ARG A 155 -4.59 -23.78 7.29
N LEU A 156 -5.51 -24.73 7.51
CA LEU A 156 -6.71 -24.84 6.68
C LEU A 156 -7.53 -23.55 6.76
N LYS A 157 -7.70 -23.04 7.98
CA LYS A 157 -8.46 -21.82 8.24
C LYS A 157 -7.82 -20.61 7.57
N LEU A 158 -6.49 -20.52 7.64
CA LEU A 158 -5.76 -19.45 6.93
C LEU A 158 -5.92 -19.51 5.42
N ALA A 159 -5.86 -20.72 4.88
CA ALA A 159 -6.05 -20.93 3.44
C ALA A 159 -7.44 -20.54 2.96
N ALA A 160 -8.47 -20.83 3.76
CA ALA A 160 -9.83 -20.44 3.39
C ALA A 160 -9.99 -18.91 3.45
N GLU A 161 -9.41 -18.28 4.46
CA GLU A 161 -9.36 -16.82 4.53
C GLU A 161 -8.63 -16.17 3.34
N ALA A 162 -7.58 -16.83 2.85
CA ALA A 162 -6.86 -16.39 1.65
C ALA A 162 -7.57 -16.70 0.33
N ARG A 163 -8.66 -17.46 0.41
CA ARG A 163 -9.43 -17.94 -0.74
C ARG A 163 -8.65 -18.90 -1.62
N ASN A 164 -7.65 -19.59 -1.04
CA ASN A 164 -6.84 -20.58 -1.76
CA ASN A 164 -6.96 -20.68 -1.68
C ASN A 164 -7.44 -21.93 -1.46
N TYR A 165 -8.50 -22.25 -2.22
CA TYR A 165 -9.39 -23.35 -1.91
C TYR A 165 -8.87 -24.72 -2.35
N SER A 166 -8.01 -24.76 -3.37
CA SER A 166 -7.36 -26.02 -3.75
C SER A 166 -6.42 -26.47 -2.63
N LEU A 167 -5.64 -25.54 -2.10
CA LEU A 167 -4.85 -25.78 -0.88
C LEU A 167 -5.76 -26.16 0.28
N ALA A 168 -6.74 -25.31 0.60
CA ALA A 168 -7.71 -25.58 1.68
C ALA A 168 -8.28 -26.99 1.66
N SER A 169 -8.56 -27.50 0.47
CA SER A 169 -9.15 -28.82 0.29
C SER A 169 -8.17 -29.96 0.51
N HIS A 170 -6.97 -29.85 -0.09
CA HIS A 170 -5.85 -30.78 0.18
C HIS A 170 -5.67 -30.96 1.70
N LEU A 171 -5.68 -29.85 2.45
CA LEU A 171 -5.56 -29.89 3.90
C LEU A 171 -6.75 -30.58 4.60
N ALA A 172 -7.95 -30.38 4.05
CA ALA A 172 -9.17 -31.02 4.57
C ALA A 172 -9.19 -32.55 4.38
N GLN A 173 -8.54 -33.03 3.33
CA GLN A 173 -8.35 -34.47 3.14
C GLN A 173 -7.23 -35.06 4.02
N ARG A 174 -6.58 -34.24 4.85
CA ARG A 174 -5.55 -34.70 5.78
C ARG A 174 -5.97 -34.64 7.26
N LEU A 175 -7.25 -34.38 7.53
CA LEU A 175 -7.75 -34.30 8.90
C LEU A 175 -8.28 -35.65 9.33
N PRO A 176 -7.58 -36.33 10.28
CA PRO A 176 -8.03 -37.69 10.64
C PRO A 176 -9.37 -37.80 11.35
N THR A 177 -9.79 -36.74 12.06
CA THR A 177 -11.10 -36.71 12.73
C THR A 177 -12.02 -35.57 12.26
N LEU A 178 -11.46 -34.44 11.85
CA LEU A 178 -12.25 -33.24 11.54
C LEU A 178 -12.63 -33.07 10.07
N GLY A 179 -12.33 -34.07 9.22
CA GLY A 179 -12.61 -33.99 7.77
C GLY A 179 -14.00 -33.51 7.36
N ASN A 180 -15.01 -33.73 8.23
CA ASN A 180 -16.35 -33.17 8.06
C ASN A 180 -16.34 -31.66 8.10
N GLN A 181 -15.87 -31.12 9.21
CA GLN A 181 -15.85 -29.66 9.40
C GLN A 181 -14.87 -28.98 8.43
N GLY A 182 -13.82 -29.69 8.03
CA GLY A 182 -12.91 -29.22 6.98
C GLY A 182 -13.61 -28.98 5.65
N ALA A 183 -14.40 -29.96 5.21
CA ALA A 183 -15.23 -29.83 4.00
C ALA A 183 -16.28 -28.74 4.14
N LEU A 184 -16.76 -28.59 5.38
CA LEU A 184 -17.80 -27.63 5.71
C LEU A 184 -17.25 -26.20 5.79
N MET A 185 -16.03 -26.05 6.30
CA MET A 185 -15.32 -24.78 6.23
C MET A 185 -15.09 -24.30 4.80
N VAL A 186 -14.73 -25.21 3.89
CA VAL A 186 -14.50 -24.84 2.48
C VAL A 186 -15.82 -24.46 1.77
N SER A 187 -16.90 -25.17 2.08
CA SER A 187 -18.21 -24.81 1.53
C SER A 187 -18.62 -23.42 2.00
N VAL A 188 -18.53 -23.21 3.31
CA VAL A 188 -18.96 -21.97 3.95
C VAL A 188 -18.10 -20.79 3.50
N ALA A 189 -16.79 -20.99 3.38
CA ALA A 189 -15.88 -19.95 2.87
C ALA A 189 -16.22 -19.49 1.46
N GLN A 190 -16.71 -20.41 0.64
CA GLN A 190 -17.11 -20.13 -0.74
C GLN A 190 -18.50 -19.50 -0.85
N ASN A 191 -19.45 -19.96 -0.02
CA ASN A 191 -20.75 -19.30 0.11
C ASN A 191 -21.18 -19.26 1.57
N PRO A 192 -20.93 -18.14 2.27
CA PRO A 192 -21.26 -18.08 3.70
C PRO A 192 -22.75 -17.87 4.01
N ALA A 193 -23.56 -17.52 3.01
CA ALA A 193 -25.02 -17.45 3.21
C ALA A 193 -25.68 -18.78 3.63
N GLN A 194 -25.00 -19.89 3.36
CA GLN A 194 -25.44 -21.22 3.80
C GLN A 194 -25.71 -21.30 5.31
N LEU A 195 -25.09 -20.41 6.11
CA LEU A 195 -25.33 -20.33 7.57
C LEU A 195 -26.76 -19.97 7.98
N SER A 196 -27.62 -19.60 7.03
CA SER A 196 -29.05 -19.48 7.27
C SER A 196 -29.67 -20.80 7.70
N GLN A 197 -29.17 -21.92 7.17
CA GLN A 197 -29.56 -23.25 7.65
C GLN A 197 -28.88 -23.51 8.97
N THR A 198 -29.40 -22.93 10.03
CA THR A 198 -28.76 -22.99 11.35
C THR A 198 -28.73 -24.40 11.96
N GLY A 199 -29.74 -25.21 11.63
CA GLY A 199 -29.73 -26.64 11.95
C GLY A 199 -28.53 -27.41 11.43
N ARG A 200 -28.02 -27.02 10.25
CA ARG A 200 -26.84 -27.65 9.65
C ARG A 200 -25.49 -27.28 10.34
N PHE A 201 -25.46 -26.18 11.10
CA PHE A 201 -24.25 -25.72 11.80
C PHE A 201 -24.48 -25.47 13.27
N SER A 202 -25.07 -26.42 13.97
CA SER A 202 -25.29 -26.31 15.42
C SER A 202 -24.58 -27.37 16.27
N GLN A 203 -23.79 -28.24 15.64
CA GLN A 203 -22.91 -29.18 16.34
C GLN A 203 -21.98 -28.41 17.28
N ARG A 204 -22.25 -28.53 18.59
CA ARG A 204 -21.56 -27.72 19.62
C ARG A 204 -20.11 -28.16 19.91
N ASP A 205 -19.19 -27.92 18.97
CA ASP A 205 -17.73 -28.08 19.21
C ASP A 205 -16.95 -26.89 18.68
N HIS A 206 -15.66 -26.82 19.00
CA HIS A 206 -14.83 -25.69 18.60
C HIS A 206 -14.60 -25.59 17.09
N ALA A 207 -14.46 -26.74 16.40
CA ALA A 207 -14.27 -26.76 14.94
C ALA A 207 -15.45 -26.14 14.17
N THR A 208 -16.67 -26.52 14.57
CA THR A 208 -17.89 -25.93 14.02
C THR A 208 -17.90 -24.41 14.23
N ALA A 209 -17.56 -23.97 15.44
CA ALA A 209 -17.43 -22.54 15.75
C ALA A 209 -16.41 -21.84 14.86
N ASP A 210 -15.28 -22.47 14.59
CA ASP A 210 -14.33 -21.91 13.63
C ASP A 210 -14.97 -21.71 12.26
N VAL A 211 -15.75 -22.69 11.79
CA VAL A 211 -16.38 -22.56 10.44
C VAL A 211 -17.43 -21.44 10.47
N VAL A 212 -18.27 -21.42 11.48
CA VAL A 212 -19.32 -20.39 11.58
C VAL A 212 -18.70 -18.98 11.72
N GLY A 213 -17.61 -18.88 12.48
CA GLY A 213 -16.93 -17.62 12.72
C GLY A 213 -16.33 -17.04 11.46
N LEU A 214 -15.70 -17.89 10.66
CA LEU A 214 -15.20 -17.49 9.36
C LEU A 214 -16.36 -17.07 8.48
N GLY A 215 -17.35 -17.95 8.38
CA GLY A 215 -18.54 -17.72 7.56
C GLY A 215 -19.22 -16.39 7.87
N LEU A 216 -19.38 -16.11 9.15
CA LEU A 216 -20.01 -14.85 9.56
C LEU A 216 -19.17 -13.63 9.20
N ARG A 217 -17.85 -13.73 9.35
CA ARG A 217 -16.95 -12.62 8.99
C ARG A 217 -16.94 -12.35 7.51
N ARG A 218 -17.00 -13.40 6.70
CA ARG A 218 -17.13 -13.24 5.25
C ARG A 218 -18.52 -12.76 4.83
N LEU A 219 -19.57 -13.33 5.42
CA LEU A 219 -20.95 -12.92 5.11
C LEU A 219 -21.13 -11.45 5.37
N ALA A 220 -20.52 -10.97 6.47
CA ALA A 220 -20.57 -9.57 6.89
C ALA A 220 -20.18 -8.56 5.84
N ARG A 221 -19.40 -8.98 4.84
CA ARG A 221 -18.92 -8.08 3.79
C ARG A 221 -20.02 -7.69 2.83
N GLN A 222 -20.81 -8.67 2.38
CA GLN A 222 -21.88 -8.44 1.40
C GLN A 222 -23.29 -8.39 2.00
N ASP A 223 -23.54 -9.16 3.06
CA ASP A 223 -24.84 -9.13 3.75
C ASP A 223 -24.69 -8.97 5.27
N PRO A 224 -24.25 -7.78 5.73
CA PRO A 224 -24.06 -7.54 7.17
C PRO A 224 -25.35 -7.61 8.00
N GLU A 225 -26.48 -7.38 7.35
CA GLU A 225 -27.79 -7.38 8.00
C GLU A 225 -28.14 -8.83 8.37
N LYS A 226 -27.98 -9.75 7.41
CA LYS A 226 -28.21 -11.19 7.64
C LYS A 226 -27.28 -11.75 8.71
N ALA A 227 -26.02 -11.32 8.67
CA ALA A 227 -24.99 -11.79 9.62
C ALA A 227 -25.24 -11.30 11.04
N LEU A 228 -25.77 -10.08 11.17
CA LEU A 228 -26.19 -9.53 12.47
C LEU A 228 -27.29 -10.39 13.10
N SER A 229 -28.28 -10.77 12.30
CA SER A 229 -29.37 -11.67 12.73
C SER A 229 -28.84 -12.99 13.22
N LEU A 230 -27.97 -13.59 12.40
CA LEU A 230 -27.43 -14.91 12.69
C LEU A 230 -26.44 -14.90 13.86
N LEU A 231 -25.84 -13.76 14.16
CA LEU A 231 -24.90 -13.67 15.29
C LEU A 231 -25.58 -14.04 16.58
N ASP A 232 -26.76 -13.46 16.80
CA ASP A 232 -27.57 -13.71 18.02
C ASP A 232 -27.76 -15.21 18.26
N TYR A 233 -28.21 -15.92 17.23
CA TYR A 233 -28.36 -17.38 17.31
C TYR A 233 -27.03 -18.07 17.65
N TYR A 234 -26.06 -17.92 16.76
CA TYR A 234 -24.83 -18.73 16.81
C TYR A 234 -23.97 -18.63 18.08
N SER A 235 -23.99 -17.47 18.73
CA SER A 235 -23.20 -17.26 19.95
C SER A 235 -23.67 -18.15 21.12
N SER A 236 -24.97 -18.37 21.23
CA SER A 236 -25.54 -19.38 22.17
C SER A 236 -25.19 -20.80 21.73
N ALA A 237 -25.48 -21.09 20.47
CA ALA A 237 -25.37 -22.45 19.94
C ALA A 237 -23.97 -23.08 20.03
N LEU A 238 -22.92 -22.25 20.00
CA LEU A 238 -21.56 -22.75 19.77
C LEU A 238 -20.51 -22.16 20.72
N PRO A 239 -19.47 -22.95 21.05
CA PRO A 239 -18.44 -22.50 21.99
C PRO A 239 -17.42 -21.49 21.40
N PHE A 240 -17.85 -20.26 21.17
CA PHE A 240 -16.94 -19.20 20.73
C PHE A 240 -16.12 -18.70 21.91
N SER A 241 -14.81 -18.52 21.73
CA SER A 241 -13.99 -17.80 22.71
C SER A 241 -14.41 -16.33 22.67
N SER A 242 -14.09 -15.60 23.73
CA SER A 242 -14.45 -14.19 23.78
C SER A 242 -13.80 -13.39 22.64
N ASP A 243 -12.55 -13.73 22.33
CA ASP A 243 -11.83 -13.10 21.22
C ASP A 243 -12.38 -13.49 19.83
N GLU A 244 -12.85 -14.73 19.68
CA GLU A 244 -13.50 -15.16 18.44
C GLU A 244 -14.80 -14.37 18.19
N LYS A 245 -15.55 -14.07 19.25
CA LYS A 245 -16.76 -13.25 19.15
C LYS A 245 -16.47 -11.81 18.73
N VAL A 246 -15.52 -11.18 19.40
CA VAL A 246 -15.22 -9.77 19.14
C VAL A 246 -14.70 -9.58 17.72
N ALA A 247 -13.98 -10.59 17.22
CA ALA A 247 -13.49 -10.62 15.83
C ALA A 247 -14.63 -10.61 14.79
N ILE A 248 -15.72 -11.32 15.12
CA ILE A 248 -16.93 -11.35 14.29
C ILE A 248 -17.66 -10.01 14.40
N ALA A 249 -17.91 -9.56 15.63
CA ALA A 249 -18.57 -8.27 15.83
C ALA A 249 -17.82 -7.14 15.12
N ARG A 250 -16.50 -7.19 15.13
CA ARG A 250 -15.67 -6.23 14.40
C ARG A 250 -16.06 -6.11 12.92
N GLU A 251 -16.15 -7.23 12.22
CA GLU A 251 -16.47 -7.24 10.79
C GLU A 251 -17.92 -6.85 10.52
N ILE A 252 -18.84 -7.34 11.35
CA ILE A 252 -20.25 -7.02 11.18
C ILE A 252 -20.49 -5.54 11.46
N GLY A 253 -19.92 -5.04 12.56
CA GLY A 253 -20.00 -3.62 12.92
C GLY A 253 -19.43 -2.67 11.87
N LEU A 254 -18.22 -2.98 11.41
CA LEU A 254 -17.55 -2.15 10.40
C LEU A 254 -18.31 -2.10 9.09
N SER A 255 -18.91 -3.23 8.72
CA SER A 255 -19.64 -3.32 7.46
C SER A 255 -20.97 -2.55 7.54
N LEU A 256 -21.69 -2.70 8.65
CA LEU A 256 -22.91 -1.92 8.94
C LEU A 256 -22.64 -0.42 9.02
N ALA A 257 -21.57 -0.04 9.70
CA ALA A 257 -21.17 1.36 9.83
C ALA A 257 -20.88 2.01 8.48
N LYS A 258 -20.26 1.28 7.57
CA LYS A 258 -19.96 1.82 6.24
C LYS A 258 -21.18 1.95 5.31
N ARG A 259 -22.31 1.34 5.69
CA ARG A 259 -23.63 1.60 5.09
C ARG A 259 -24.48 2.57 5.92
N PHE A 260 -23.87 3.13 6.97
CA PHE A 260 -24.52 4.10 7.83
C PHE A 260 -25.79 3.57 8.49
N ASP A 261 -25.67 2.33 8.96
CA ASP A 261 -26.71 1.65 9.73
C ASP A 261 -26.41 1.86 11.21
N PRO A 262 -27.32 2.54 11.96
CA PRO A 262 -27.07 2.79 13.40
C PRO A 262 -27.11 1.55 14.31
N ARG A 263 -27.51 0.40 13.78
CA ARG A 263 -27.43 -0.83 14.56
C ARG A 263 -25.99 -1.25 14.84
N ALA A 264 -25.04 -0.72 14.07
CA ALA A 264 -23.62 -0.95 14.31
C ALA A 264 -23.18 -0.41 15.66
N LEU A 265 -23.76 0.70 16.09
CA LEU A 265 -23.32 1.41 17.31
C LEU A 265 -23.40 0.61 18.64
N PRO A 266 -24.56 0.00 18.95
CA PRO A 266 -24.64 -0.90 20.12
C PRO A 266 -23.69 -2.11 20.06
N LEU A 267 -23.48 -2.65 18.87
CA LEU A 267 -22.62 -3.81 18.70
C LEU A 267 -21.15 -3.44 18.96
N MET A 268 -20.71 -2.36 18.31
CA MET A 268 -19.34 -1.84 18.49
C MET A 268 -19.06 -1.44 19.93
N THR A 269 -20.05 -0.80 20.55
CA THR A 269 -19.99 -0.38 21.96
C THR A 269 -19.83 -1.57 22.89
N GLN A 270 -20.58 -2.65 22.66
CA GLN A 270 -20.48 -3.80 23.55
C GLN A 270 -19.23 -4.64 23.37
N TYR A 271 -18.80 -4.88 22.14
CA TYR A 271 -17.63 -5.76 21.90
C TYR A 271 -16.26 -5.06 21.91
N ASP A 272 -16.23 -3.73 21.93
CA ASP A 272 -14.97 -3.01 22.12
C ASP A 272 -15.13 -1.72 22.93
N PRO A 273 -15.66 -1.83 24.17
CA PRO A 273 -15.90 -0.66 25.01
C PRO A 273 -14.60 -0.01 25.49
N GLY A 274 -13.53 -0.81 25.58
CA GLY A 274 -12.20 -0.27 25.88
C GLY A 274 -11.57 0.63 24.82
N LEU A 275 -12.21 0.72 23.64
CA LEU A 275 -11.64 1.38 22.46
C LEU A 275 -10.27 0.81 22.13
N ARG A 276 -10.14 -0.51 22.14
CA ARG A 276 -8.88 -1.17 21.81
C ARG A 276 -8.57 -1.19 20.33
N ASP A 277 -9.60 -1.43 19.49
CA ASP A 277 -9.41 -1.47 18.04
C ASP A 277 -9.58 -0.06 17.41
N ASN A 278 -8.49 0.46 16.86
CA ASN A 278 -8.51 1.81 16.27
C ASN A 278 -9.51 1.92 15.13
N THR A 279 -9.62 0.88 14.32
CA THR A 279 -10.50 0.92 13.15
C THR A 279 -11.98 0.95 13.58
N VAL A 280 -12.34 0.18 14.60
CA VAL A 280 -13.70 0.21 15.18
C VAL A 280 -13.99 1.59 15.76
N THR A 281 -12.99 2.15 16.44
CA THR A 281 -13.12 3.45 17.10
C THR A 281 -13.32 4.59 16.10
N GLU A 282 -12.57 4.55 14.99
CA GLU A 282 -12.69 5.60 13.97
C GLU A 282 -14.03 5.51 13.26
N TRP A 283 -14.48 4.31 12.93
CA TRP A 283 -15.78 4.15 12.29
C TRP A 283 -16.96 4.32 13.22
N ARG A 284 -16.77 4.06 14.51
CA ARG A 284 -17.81 4.42 15.48
C ARG A 284 -18.01 5.93 15.42
N THR A 285 -16.92 6.67 15.53
CA THR A 285 -16.97 8.13 15.42
C THR A 285 -17.52 8.58 14.06
N ARG A 286 -17.00 8.03 12.97
CA ARG A 286 -17.51 8.37 11.65
C ARG A 286 -19.01 8.16 11.48
N LEU A 287 -19.52 7.06 12.03
CA LEU A 287 -20.96 6.76 11.92
C LEU A 287 -21.81 7.80 12.68
N LEU A 288 -21.31 8.24 13.83
CA LEU A 288 -21.98 9.30 14.60
C LEU A 288 -22.01 10.60 13.82
N LEU A 289 -20.88 10.98 13.22
CA LEU A 289 -20.80 12.20 12.40
C LEU A 289 -21.77 12.15 11.23
N ARG A 290 -21.86 10.99 10.56
CA ARG A 290 -22.84 10.81 9.49
C ARG A 290 -24.28 11.06 9.94
N LEU A 291 -24.62 10.58 11.13
CA LEU A 291 -25.99 10.64 11.66
C LEU A 291 -26.30 11.90 12.41
N GLY A 292 -25.37 12.85 12.44
CA GLY A 292 -25.62 14.16 13.05
C GLY A 292 -25.57 14.16 14.56
N ARG A 293 -24.95 13.12 15.12
CA ARG A 293 -24.93 12.89 16.56
C ARG A 293 -23.62 13.45 17.14
N TRP A 294 -23.59 14.77 17.20
CA TRP A 294 -22.39 15.51 17.46
C TRP A 294 -21.86 15.32 18.88
N ASP A 295 -22.77 15.34 19.86
CA ASP A 295 -22.41 15.16 21.28
C ASP A 295 -21.63 13.86 21.53
N GLU A 296 -22.20 12.75 21.04
CA GLU A 296 -21.58 11.44 21.17
C GLU A 296 -20.26 11.41 20.44
N ALA A 297 -20.21 12.01 19.25
CA ALA A 297 -18.96 12.10 18.51
C ALA A 297 -17.90 12.80 19.35
N TYR A 298 -18.27 13.97 19.88
CA TYR A 298 -17.38 14.75 20.73
C TYR A 298 -16.87 13.99 21.95
N ALA A 299 -17.78 13.39 22.71
CA ALA A 299 -17.42 12.55 23.87
C ALA A 299 -16.39 11.50 23.49
N LEU A 300 -16.64 10.86 22.35
CA LEU A 300 -15.78 9.81 21.86
C LEU A 300 -14.40 10.38 21.50
N THR A 301 -14.34 11.51 20.77
CA THR A 301 -13.04 12.14 20.42
C THR A 301 -12.17 12.44 21.65
N ARG A 302 -12.80 12.63 22.81
CA ARG A 302 -12.09 12.91 24.07
C ARG A 302 -11.51 11.67 24.75
N LYS A 303 -12.01 10.48 24.41
CA LYS A 303 -11.51 9.21 24.96
C LYS A 303 -10.41 8.53 24.15
N LEU A 304 -10.01 9.08 23.01
CA LEU A 304 -9.19 8.29 22.09
C LEU A 304 -7.83 7.98 22.68
N PRO A 305 -7.26 6.82 22.35
CA PRO A 305 -5.87 6.54 22.78
C PRO A 305 -4.86 7.56 22.25
N GLN A 306 -3.65 7.55 22.81
CA GLN A 306 -2.61 8.55 22.46
C GLN A 306 -2.35 8.64 20.94
N ASP A 307 -2.23 7.49 20.26
CA ASP A 307 -1.82 7.48 18.86
C ASP A 307 -2.89 7.94 17.87
N LEU A 308 -4.17 7.90 18.27
CA LEU A 308 -5.25 8.48 17.46
C LEU A 308 -5.43 9.95 17.79
N ALA A 309 -5.49 10.25 19.09
CA ALA A 309 -5.64 11.62 19.60
C ALA A 309 -4.61 12.62 19.06
N ALA A 310 -3.39 12.14 18.88
CA ALA A 310 -2.27 12.95 18.37
C ALA A 310 -2.39 13.32 16.88
N THR A 311 -3.24 12.62 16.14
CA THR A 311 -3.41 12.88 14.71
C THR A 311 -4.19 14.15 14.52
N SER A 312 -4.00 14.73 13.34
CA SER A 312 -4.66 15.94 12.93
C SER A 312 -6.14 15.67 12.64
N ARG A 313 -6.43 14.47 12.14
CA ARG A 313 -7.80 14.02 11.91
C ARG A 313 -8.71 14.23 13.13
N TRP A 314 -8.27 13.75 14.29
CA TRP A 314 -9.15 13.66 15.44
C TRP A 314 -9.03 14.85 16.36
N ARG A 315 -7.94 15.60 16.21
CA ARG A 315 -7.88 16.94 16.78
C ARG A 315 -8.92 17.84 16.11
N TYR A 316 -8.97 17.79 14.77
CA TYR A 316 -9.96 18.52 14.00
C TYR A 316 -11.35 18.12 14.42
N TRP A 317 -11.67 16.85 14.26
CA TRP A 317 -13.02 16.38 14.53
C TRP A 317 -13.45 16.58 15.99
N GLN A 318 -12.50 16.63 16.93
CA GLN A 318 -12.83 17.02 18.31
C GLN A 318 -13.31 18.45 18.32
N ALA A 319 -12.60 19.32 17.63
CA ALA A 319 -12.96 20.75 17.55
C ALA A 319 -14.30 20.99 16.84
N ARG A 320 -14.48 20.37 15.67
CA ARG A 320 -15.65 20.54 14.81
C ARG A 320 -16.90 19.88 15.39
N SER A 321 -16.75 18.73 16.03
CA SER A 321 -17.86 18.06 16.71
C SER A 321 -18.37 18.91 17.88
N LEU A 322 -17.45 19.54 18.62
CA LEU A 322 -17.83 20.48 19.66
C LEU A 322 -18.53 21.71 19.07
N GLN A 323 -17.98 22.27 17.98
CA GLN A 323 -18.58 23.41 17.28
C GLN A 323 -19.98 23.08 16.76
N LEU A 324 -20.18 21.87 16.28
CA LEU A 324 -21.50 21.43 15.84
C LEU A 324 -22.44 21.18 17.03
N ALA A 325 -21.94 20.55 18.08
CA ALA A 325 -22.73 20.28 19.28
C ALA A 325 -23.08 21.56 20.02
N GLN A 326 -22.09 22.42 20.22
CA GLN A 326 -22.24 23.71 20.90
C GLN A 326 -21.77 24.87 20.01
N PRO A 327 -22.64 25.35 19.11
CA PRO A 327 -22.35 26.44 18.19
C PRO A 327 -21.89 27.73 18.85
N ASN A 328 -22.37 27.99 20.06
CA ASN A 328 -22.07 29.22 20.75
C ASN A 328 -20.83 29.15 21.62
N SER A 329 -20.32 27.94 21.90
CA SER A 329 -19.09 27.78 22.69
C SER A 329 -17.90 28.33 21.92
N LYS A 330 -16.88 28.79 22.65
CA LYS A 330 -15.63 29.25 22.04
C LYS A 330 -14.42 28.34 22.34
N GLU A 331 -14.63 27.22 23.06
CA GLU A 331 -13.59 26.20 23.21
C GLU A 331 -13.05 25.71 21.85
N PRO A 332 -13.91 25.60 20.81
CA PRO A 332 -13.41 25.17 19.51
C PRO A 332 -12.44 26.10 18.80
N ILE A 333 -12.43 27.41 19.08
CA ILE A 333 -11.47 28.29 18.35
C ILE A 333 -10.04 28.09 18.87
N ALA A 334 -9.89 27.86 20.17
CA ALA A 334 -8.59 27.46 20.76
C ALA A 334 -8.05 26.22 20.04
N LEU A 335 -8.89 25.20 19.93
CA LEU A 335 -8.52 23.91 19.34
C LEU A 335 -8.15 24.03 17.86
N TYR A 336 -8.88 24.85 17.12
CA TYR A 336 -8.60 25.11 15.71
C TYR A 336 -7.29 25.87 15.51
N GLN A 337 -7.01 26.82 16.41
CA GLN A 337 -5.80 27.66 16.32
C GLN A 337 -4.51 26.88 16.50
N LYS A 338 -4.52 25.93 17.43
CA LYS A 338 -3.37 25.03 17.63
C LYS A 338 -3.10 24.18 16.38
N LEU A 339 -4.15 23.85 15.65
CA LEU A 339 -4.13 22.93 14.51
C LEU A 339 -3.91 23.62 13.17
N ALA A 340 -4.37 24.86 13.04
CA ALA A 340 -4.28 25.63 11.79
C ALA A 340 -2.87 25.85 11.24
N GLY A 341 -1.86 25.67 12.08
CA GLY A 341 -0.47 25.72 11.64
C GLY A 341 0.00 24.53 10.79
N GLU A 342 -0.63 23.36 10.94
CA GLU A 342 -0.13 22.14 10.31
C GLU A 342 -0.42 22.18 8.79
N ARG A 343 0.53 21.71 7.99
CA ARG A 343 0.41 21.73 6.52
C ARG A 343 -0.08 20.37 6.05
N ASP A 344 -1.39 20.21 6.07
CA ASP A 344 -2.02 18.90 6.05
C ASP A 344 -3.53 19.12 5.86
N PHE A 345 -4.26 18.14 5.31
CA PHE A 345 -5.68 18.34 4.99
C PHE A 345 -6.48 18.92 6.16
N TYR A 346 -6.30 18.33 7.34
CA TYR A 346 -7.08 18.71 8.51
C TYR A 346 -6.66 20.07 9.04
N GLY A 347 -5.37 20.35 8.96
CA GLY A 347 -4.83 21.66 9.33
C GLY A 347 -5.38 22.77 8.46
N PHE A 348 -5.55 22.50 7.16
CA PHE A 348 -6.17 23.45 6.24
C PHE A 348 -7.64 23.70 6.59
N LEU A 349 -8.38 22.63 6.87
CA LEU A 349 -9.78 22.79 7.33
C LEU A 349 -9.90 23.69 8.58
N ALA A 350 -9.01 23.46 9.55
CA ALA A 350 -8.91 24.32 10.74
C ALA A 350 -8.68 25.80 10.37
N ALA A 351 -7.75 26.05 9.46
CA ALA A 351 -7.47 27.40 8.98
C ALA A 351 -8.66 27.99 8.21
N ASP A 352 -9.34 27.13 7.44
CA ASP A 352 -10.55 27.54 6.74
C ASP A 352 -11.71 27.85 7.70
N ARG A 353 -11.77 27.17 8.84
CA ARG A 353 -12.81 27.43 9.84
C ARG A 353 -12.58 28.72 10.61
N LEU A 354 -11.33 29.16 10.66
CA LEU A 354 -10.95 30.40 11.31
C LEU A 354 -10.89 31.58 10.35
N SER A 355 -11.01 31.30 9.04
CA SER A 355 -10.81 32.30 7.96
C SER A 355 -9.43 32.95 8.00
N VAL A 356 -8.41 32.11 8.18
CA VAL A 356 -7.03 32.57 8.29
C VAL A 356 -6.21 31.89 7.19
N PRO A 357 -5.16 32.55 6.70
CA PRO A 357 -4.35 31.93 5.64
C PRO A 357 -3.78 30.56 6.01
N TYR A 358 -3.69 29.68 5.00
CA TYR A 358 -3.11 28.34 5.19
C TYR A 358 -1.62 28.53 5.39
N LYS A 359 -0.97 27.58 6.07
CA LYS A 359 0.48 27.65 6.32
C LYS A 359 1.23 26.64 5.45
N LEU A 360 1.98 27.17 4.49
CA LEU A 360 2.80 26.38 3.57
C LEU A 360 4.26 26.38 4.02
N GLY A 361 4.87 27.55 4.16
CA GLY A 361 6.25 27.67 4.67
C GLY A 361 7.28 26.83 3.95
N ASN A 362 7.48 27.10 2.65
CA ASN A 362 8.53 26.44 1.86
C ASN A 362 9.88 26.78 2.51
N ARG A 363 10.63 25.76 2.90
CA ARG A 363 11.86 25.92 3.65
C ARG A 363 12.82 24.77 3.27
N PRO A 364 13.51 24.88 2.12
CA PRO A 364 14.49 23.87 1.67
C PRO A 364 15.63 23.62 2.66
N ALA A 365 16.24 22.45 2.58
CA ALA A 365 17.14 21.98 3.62
C ALA A 365 18.58 22.51 3.52
N HIS A 366 19.10 22.95 4.66
CA HIS A 366 20.54 23.06 4.94
C HIS A 366 21.22 21.70 4.71
N ILE A 367 22.05 21.58 3.68
CA ILE A 367 22.81 20.34 3.44
C ILE A 367 24.29 20.63 3.52
N ASP A 368 25.02 19.77 4.21
CA ASP A 368 26.47 19.78 4.24
C ASP A 368 26.97 19.27 2.87
N PRO A 369 27.82 20.05 2.13
CA PRO A 369 28.32 19.50 0.84
C PRO A 369 29.27 18.31 0.96
N ARG A 370 29.88 18.11 2.12
CA ARG A 370 30.62 16.87 2.46
C ARG A 370 29.72 15.62 2.50
N VAL A 371 28.46 15.82 2.88
CA VAL A 371 27.41 14.79 2.75
C VAL A 371 26.98 14.63 1.28
N LEU A 372 26.69 15.75 0.61
CA LEU A 372 26.29 15.74 -0.81
C LEU A 372 27.35 15.10 -1.69
N GLN A 373 28.62 15.40 -1.41
CA GLN A 373 29.74 14.86 -2.20
C GLN A 373 29.85 13.34 -2.01
N ARG A 374 29.73 12.88 -0.76
CA ARG A 374 29.75 11.46 -0.45
C ARG A 374 28.65 10.67 -1.19
N VAL A 375 27.44 11.21 -1.19
CA VAL A 375 26.30 10.56 -1.87
C VAL A 375 26.41 10.67 -3.41
N ARG A 376 26.92 11.79 -3.91
CA ARG A 376 27.18 11.95 -5.35
C ARG A 376 28.27 10.99 -5.86
N ASN A 377 29.26 10.70 -5.00
CA ASN A 377 30.39 9.81 -5.32
C ASN A 377 30.18 8.35 -4.92
N ALA A 378 29.05 8.01 -4.34
CA ALA A 378 28.76 6.61 -4.01
C ALA A 378 28.65 5.78 -5.30
N ALA A 379 29.14 4.54 -5.25
CA ALA A 379 29.11 3.62 -6.39
C ALA A 379 27.70 3.48 -6.97
N SER A 380 26.74 3.17 -6.07
CA SER A 380 25.30 3.09 -6.43
C SER A 380 24.76 4.32 -7.17
N THR A 381 25.20 5.51 -6.77
CA THR A 381 24.81 6.76 -7.44
C THR A 381 25.40 6.81 -8.83
N ARG A 382 26.72 6.66 -8.90
CA ARG A 382 27.49 6.74 -10.16
C ARG A 382 26.88 5.80 -11.20
N ARG A 383 26.52 4.59 -10.76
CA ARG A 383 25.82 3.61 -11.59
C ARG A 383 24.43 4.08 -12.02
N ALA A 384 23.64 4.53 -11.05
CA ALA A 384 22.29 5.06 -11.33
C ALA A 384 22.32 6.26 -12.29
N MET A 385 23.30 7.15 -12.08
CA MET A 385 23.55 8.30 -12.96
C MET A 385 23.79 7.86 -14.40
N GLU A 386 24.61 6.81 -14.56
CA GLU A 386 24.98 6.27 -15.87
C GLU A 386 23.80 5.54 -16.55
N PHE A 387 22.98 4.83 -15.79
CA PHE A 387 21.77 4.22 -16.35
C PHE A 387 20.76 5.25 -16.84
N PHE A 388 20.67 6.39 -16.14
CA PHE A 388 19.80 7.52 -16.52
C PHE A 388 20.23 8.12 -17.87
N ASN A 389 21.54 8.31 -18.03
CA ASN A 389 22.08 8.89 -19.25
C ASN A 389 22.02 7.91 -20.43
N ARG A 390 21.97 6.61 -20.13
CA ARG A 390 21.80 5.59 -21.18
C ARG A 390 20.36 5.40 -21.67
N GLY A 391 19.38 5.94 -20.94
CA GLY A 391 17.96 5.74 -21.27
C GLY A 391 17.25 4.71 -20.41
N GLU A 392 18.02 3.81 -19.77
CA GLU A 392 17.44 2.78 -18.88
C GLU A 392 16.89 3.42 -17.63
N VAL A 393 15.58 3.69 -17.65
CA VAL A 393 14.89 4.33 -16.54
C VAL A 393 14.83 3.36 -15.37
N ILE A 394 14.48 2.11 -15.69
CA ILE A 394 14.14 1.11 -14.68
C ILE A 394 15.38 0.67 -13.91
N ASN A 395 16.51 0.58 -14.62
CA ASN A 395 17.77 0.18 -13.98
C ASN A 395 18.26 1.27 -13.04
N ALA A 396 18.16 2.52 -13.48
CA ALA A 396 18.55 3.68 -12.67
C ALA A 396 17.66 3.77 -11.43
N ARG A 397 16.38 3.53 -11.66
CA ARG A 397 15.39 3.55 -10.59
C ARG A 397 15.67 2.42 -9.59
N ARG A 398 15.99 1.23 -10.10
CA ARG A 398 16.35 0.08 -9.23
C ARG A 398 17.56 0.40 -8.33
N GLU A 399 18.61 0.99 -8.93
CA GLU A 399 19.82 1.37 -8.20
C GLU A 399 19.54 2.40 -7.11
N TRP A 400 18.64 3.32 -7.43
CA TRP A 400 18.34 4.47 -6.58
C TRP A 400 17.65 4.03 -5.30
N TYR A 401 16.56 3.31 -5.48
CA TYR A 401 15.74 2.83 -4.36
C TYR A 401 16.57 1.98 -3.41
N HIS A 402 17.37 1.11 -4.00
CA HIS A 402 18.14 0.13 -3.25
C HIS A 402 19.28 0.75 -2.41
N ALA A 403 19.93 1.79 -2.91
CA ALA A 403 20.95 2.51 -2.11
C ALA A 403 20.31 3.24 -0.91
N ALA A 404 19.18 3.90 -1.19
CA ALA A 404 18.38 4.59 -0.17
C ALA A 404 17.94 3.71 1.00
N ARG A 405 17.70 2.43 0.71
CA ARG A 405 17.38 1.36 1.69
C ARG A 405 18.17 1.45 3.02
N LEU A 406 19.44 1.84 2.96
CA LEU A 406 20.27 1.99 4.17
C LEU A 406 20.89 3.38 4.44
N PHE A 407 20.58 4.39 3.65
CA PHE A 407 21.01 5.79 3.92
C PHE A 407 20.32 6.41 5.14
N ASP A 408 21.11 7.10 5.98
CA ASP A 408 20.57 7.88 7.12
C ASP A 408 19.79 9.12 6.63
N ARG A 409 19.25 9.91 7.56
CA ARG A 409 18.38 11.04 7.21
C ARG A 409 19.10 12.13 6.40
N ASP A 410 20.31 12.50 6.82
CA ASP A 410 21.13 13.47 6.08
C ASP A 410 21.38 13.03 4.63
N GLU A 411 21.77 11.77 4.48
CA GLU A 411 22.10 11.18 3.17
C GLU A 411 20.90 11.11 2.23
N LEU A 412 19.76 10.70 2.76
CA LEU A 412 18.50 10.64 1.97
C LEU A 412 18.10 11.99 1.37
N ILE A 413 18.30 13.07 2.13
CA ILE A 413 18.00 14.43 1.65
C ILE A 413 18.98 14.83 0.54
N ALA A 414 20.27 14.52 0.76
CA ALA A 414 21.31 14.72 -0.26
C ALA A 414 20.94 14.00 -1.56
N GLN A 415 20.49 12.76 -1.40
CA GLN A 415 19.99 11.97 -2.52
C GLN A 415 18.81 12.67 -3.19
N ALA A 416 17.84 13.12 -2.39
CA ALA A 416 16.68 13.85 -2.91
C ALA A 416 17.05 15.07 -3.80
N ARG A 417 17.99 15.89 -3.32
CA ARG A 417 18.36 17.11 -4.05
C ARG A 417 19.08 16.82 -5.35
N LEU A 418 19.97 15.81 -5.32
CA LEU A 418 20.64 15.34 -6.54
C LEU A 418 19.67 14.95 -7.65
N ALA A 419 18.58 14.28 -7.29
CA ALA A 419 17.54 13.85 -8.24
C ALA A 419 16.70 15.01 -8.76
N TYR A 420 16.37 15.97 -7.89
CA TYR A 420 15.65 17.21 -8.27
C TYR A 420 16.42 18.00 -9.33
N ASP A 421 17.74 18.11 -9.11
CA ASP A 421 18.61 18.85 -10.02
C ASP A 421 18.69 18.24 -11.42
N MET A 422 18.39 16.94 -11.54
CA MET A 422 18.29 16.25 -12.83
C MET A 422 16.91 16.37 -13.52
N GLN A 423 15.97 17.10 -12.91
CA GLN A 423 14.53 17.08 -13.28
C GLN A 423 13.95 15.67 -13.22
N TRP A 424 14.42 14.89 -12.25
CA TRP A 424 14.00 13.52 -12.08
C TRP A 424 13.14 13.49 -10.82
N TYR A 425 11.85 13.73 -11.01
CA TYR A 425 11.01 14.27 -9.96
C TYR A 425 10.51 13.22 -8.97
N PHE A 426 10.02 12.10 -9.49
CA PHE A 426 9.49 11.02 -8.65
C PHE A 426 10.51 10.49 -7.63
N PRO A 427 11.77 10.24 -8.07
CA PRO A 427 12.77 9.81 -7.09
C PRO A 427 13.19 10.83 -6.05
N ALA A 428 13.05 12.11 -6.37
CA ALA A 428 13.28 13.20 -5.39
C ALA A 428 12.16 13.26 -4.38
N ILE A 429 10.93 13.23 -4.90
CA ILE A 429 9.75 13.09 -4.08
C ILE A 429 9.89 11.89 -3.15
N ARG A 430 10.33 10.77 -3.70
CA ARG A 430 10.37 9.52 -2.94
C ARG A 430 11.40 9.56 -1.82
N SER A 431 12.58 10.12 -2.12
CA SER A 431 13.70 10.12 -1.17
C SER A 431 13.48 11.11 -0.04
N ILE A 432 13.01 12.32 -0.39
CA ILE A 432 12.67 13.37 0.58
C ILE A 432 11.57 12.90 1.54
N SER A 433 10.66 12.05 1.04
CA SER A 433 9.57 11.49 1.83
C SER A 433 10.06 10.48 2.87
N GLN A 434 10.94 9.56 2.46
CA GLN A 434 11.55 8.63 3.43
C GLN A 434 12.57 9.30 4.35
N ALA A 435 13.07 10.48 3.96
CA ALA A 435 13.83 11.35 4.86
C ALA A 435 12.94 12.04 5.90
N GLN A 436 11.64 12.15 5.61
CA GLN A 436 10.65 12.86 6.44
C GLN A 436 11.00 14.35 6.64
N TYR A 437 11.56 14.97 5.59
CA TYR A 437 11.76 16.40 5.56
C TYR A 437 10.68 16.99 4.68
N TRP A 438 9.58 17.41 5.31
CA TRP A 438 8.38 17.77 4.56
C TRP A 438 8.34 19.22 4.07
N ASP A 439 9.18 20.10 4.62
CA ASP A 439 9.13 21.54 4.30
C ASP A 439 9.64 21.97 2.92
N ASP A 440 10.43 21.13 2.24
CA ASP A 440 10.89 21.47 0.89
C ASP A 440 9.76 21.24 -0.13
N LEU A 441 8.97 22.28 -0.37
CA LEU A 441 7.83 22.18 -1.28
C LEU A 441 8.24 22.23 -2.75
N ASP A 442 9.45 22.71 -3.04
CA ASP A 442 9.94 22.74 -4.42
C ASP A 442 10.18 21.34 -4.97
N ILE A 443 10.82 20.51 -4.13
CA ILE A 443 11.07 19.11 -4.44
C ILE A 443 9.78 18.30 -4.37
N ARG A 444 8.99 18.50 -3.30
CA ARG A 444 7.75 17.74 -3.10
C ARG A 444 6.61 18.05 -4.07
N PHE A 445 6.57 19.26 -4.64
CA PHE A 445 5.49 19.67 -5.53
C PHE A 445 6.00 20.42 -6.74
N PRO A 446 6.84 19.77 -7.54
CA PRO A 446 7.45 20.45 -8.66
C PRO A 446 6.43 20.63 -9.76
N MET A 447 6.72 21.55 -10.67
CA MET A 447 5.80 21.97 -11.73
C MET A 447 5.97 21.13 -13.00
N ALA A 448 6.19 19.83 -12.86
CA ALA A 448 6.55 18.95 -13.97
C ALA A 448 5.42 18.84 -14.97
N HIS A 449 5.78 18.81 -16.25
CA HIS A 449 4.82 18.79 -17.36
C HIS A 449 3.81 19.93 -17.27
N ARG A 450 4.31 21.12 -16.93
CA ARG A 450 3.46 22.30 -16.77
C ARG A 450 2.76 22.72 -18.06
N ALA A 451 3.53 22.87 -19.13
CA ALA A 451 2.96 23.21 -20.45
C ALA A 451 1.75 22.34 -20.73
N THR A 452 1.95 21.03 -20.65
CA THR A 452 0.97 20.03 -21.06
C THR A 452 -0.27 19.95 -20.10
N LEU A 453 -0.05 20.16 -18.80
CA LEU A 453 -1.15 20.17 -17.81
C LEU A 453 -1.96 21.45 -17.88
N VAL A 454 -1.26 22.58 -17.94
CA VAL A 454 -1.92 23.89 -18.04
C VAL A 454 -2.67 24.02 -19.36
N ARG A 455 -2.20 23.34 -20.41
CA ARG A 455 -2.87 23.39 -21.72
C ARG A 455 -4.19 22.59 -21.72
N GLU A 456 -4.11 21.30 -21.37
CA GLU A 456 -5.30 20.43 -21.35
C GLU A 456 -6.32 20.78 -20.24
N ALA A 457 -5.91 21.59 -19.26
CA ALA A 457 -6.81 22.13 -18.23
C ALA A 457 -7.66 23.29 -18.76
N LYS A 458 -7.03 24.21 -19.49
CA LYS A 458 -7.75 25.32 -20.11
C LYS A 458 -8.72 24.77 -21.17
N ASN A 459 -8.23 23.81 -21.95
CA ASN A 459 -9.04 23.02 -22.89
C ASN A 459 -10.43 22.65 -22.39
N ARG A 460 -10.50 22.14 -21.16
CA ARG A 460 -11.75 21.59 -20.62
C ARG A 460 -12.32 22.39 -19.43
N GLY A 461 -11.97 23.68 -19.33
CA GLY A 461 -12.53 24.59 -18.32
C GLY A 461 -12.27 24.23 -16.87
N LEU A 462 -11.19 23.49 -16.62
CA LEU A 462 -10.80 23.03 -15.28
C LEU A 462 -9.67 23.90 -14.77
N HIS A 463 -9.56 23.98 -13.44
CA HIS A 463 -8.53 24.81 -12.78
C HIS A 463 -7.20 24.08 -12.87
N SER A 464 -6.13 24.82 -13.19
CA SER A 464 -4.81 24.25 -13.38
C SER A 464 -4.37 23.44 -12.15
N SER A 465 -4.51 24.07 -10.98
CA SER A 465 -4.19 23.46 -9.68
C SER A 465 -4.79 22.07 -9.48
N TRP A 466 -6.03 21.90 -9.94
CA TRP A 466 -6.73 20.64 -9.75
C TRP A 466 -6.13 19.48 -10.59
N ILE A 467 -5.71 19.73 -11.83
CA ILE A 467 -5.04 18.69 -12.66
C ILE A 467 -3.64 18.43 -12.14
N PHE A 468 -2.95 19.49 -11.73
CA PHE A 468 -1.68 19.32 -11.05
C PHE A 468 -1.76 18.42 -9.84
N ALA A 469 -2.81 18.61 -9.04
CA ALA A 469 -3.02 17.83 -7.82
C ALA A 469 -3.31 16.35 -8.08
N ILE A 470 -4.12 16.07 -9.11
CA ILE A 470 -4.52 14.70 -9.44
C ILE A 470 -3.31 13.88 -9.85
N THR A 471 -2.51 14.41 -10.76
CA THR A 471 -1.39 13.64 -11.33
C THR A 471 -0.31 13.46 -10.26
N ARG A 472 -0.16 14.47 -9.39
CA ARG A 472 0.75 14.38 -8.25
C ARG A 472 0.36 13.27 -7.28
N GLN A 473 -0.92 13.15 -6.99
CA GLN A 473 -1.41 12.07 -6.15
C GLN A 473 -1.36 10.72 -6.87
N GLN A 474 -1.65 10.72 -8.18
CA GLN A 474 -1.82 9.45 -8.91
C GLN A 474 -0.52 8.78 -9.30
N SER A 475 0.42 9.56 -9.84
CA SER A 475 1.73 9.05 -10.24
C SER A 475 2.91 9.57 -9.42
N ALA A 476 2.79 10.76 -8.84
CA ALA A 476 3.93 11.56 -8.35
C ALA A 476 4.96 11.82 -9.46
N PHE A 477 4.45 12.04 -10.69
CA PHE A 477 5.25 12.35 -11.87
C PHE A 477 6.20 11.22 -12.39
N MET A 478 5.85 9.97 -12.10
CA MET A 478 6.50 8.83 -12.74
C MET A 478 5.73 8.55 -14.01
N SER A 479 6.27 8.98 -15.15
CA SER A 479 5.56 8.91 -16.46
C SER A 479 5.11 7.51 -16.92
N ASP A 480 5.76 6.46 -16.42
CA ASP A 480 5.45 5.07 -16.77
C ASP A 480 4.94 4.22 -15.58
N ALA A 481 4.19 4.85 -14.69
CA ALA A 481 3.76 4.21 -13.45
C ALA A 481 2.64 3.22 -13.70
N ARG A 482 2.69 2.07 -13.02
CA ARG A 482 1.66 1.04 -13.13
C ARG A 482 1.26 0.53 -11.75
N SER A 483 -0.05 0.45 -11.50
CA SER A 483 -0.58 0.00 -10.19
C SER A 483 -0.78 -1.51 -10.14
N GLY A 484 -1.03 -2.03 -8.93
CA GLY A 484 -1.30 -3.46 -8.73
C GLY A 484 -2.34 -4.08 -9.65
N VAL A 485 -3.38 -3.31 -10.00
CA VAL A 485 -4.47 -3.79 -10.85
C VAL A 485 -4.48 -3.17 -12.26
N GLY A 486 -3.36 -2.60 -12.68
CA GLY A 486 -3.16 -2.20 -14.08
C GLY A 486 -3.61 -0.82 -14.52
N ALA A 487 -3.77 0.13 -13.58
CA ALA A 487 -3.95 1.56 -13.93
C ALA A 487 -2.60 2.10 -14.37
N THR A 488 -2.58 2.85 -15.48
CA THR A 488 -1.33 3.16 -16.20
C THR A 488 -1.11 4.66 -16.47
N GLY A 489 0.08 5.14 -16.11
CA GLY A 489 0.58 6.46 -16.53
C GLY A 489 0.36 7.59 -15.56
N LEU A 490 0.79 8.80 -15.97
CA LEU A 490 0.81 10.00 -15.12
C LEU A 490 -0.49 10.30 -14.38
N MET A 491 -1.63 10.10 -15.04
CA MET A 491 -2.95 10.28 -14.45
C MET A 491 -3.67 8.95 -14.19
N GLN A 492 -2.88 7.88 -14.03
CA GLN A 492 -3.34 6.50 -13.81
C GLN A 492 -4.67 6.16 -14.48
N LEU A 493 -4.64 6.15 -15.81
CA LEU A 493 -5.79 5.72 -16.60
C LEU A 493 -5.89 4.20 -16.52
N MET A 494 -7.13 3.74 -16.60
CA MET A 494 -7.46 2.36 -16.45
C MET A 494 -7.63 1.96 -17.89
N PRO A 495 -7.01 0.83 -18.31
CA PRO A 495 -7.08 0.45 -19.73
C PRO A 495 -8.51 0.50 -20.29
N GLY A 496 -9.46 -0.10 -19.55
CA GLY A 496 -10.88 -0.05 -19.90
C GLY A 496 -11.45 1.35 -20.04
N THR A 497 -11.05 2.25 -19.13
CA THR A 497 -11.48 3.66 -19.16
C THR A 497 -10.82 4.42 -20.31
N ALA A 498 -9.52 4.17 -20.51
CA ALA A 498 -8.77 4.76 -21.63
C ALA A 498 -9.44 4.46 -22.96
N LYS A 499 -9.82 3.19 -23.14
CA LYS A 499 -10.57 2.73 -24.32
C LYS A 499 -11.89 3.53 -24.52
N GLU A 500 -12.72 3.60 -23.48
CA GLU A 500 -13.96 4.41 -23.49
C GLU A 500 -13.71 5.87 -23.79
N THR A 501 -12.70 6.42 -23.12
CA THR A 501 -12.38 7.83 -23.17
C THR A 501 -11.82 8.21 -24.54
N SER A 502 -11.02 7.33 -25.13
CA SER A 502 -10.49 7.51 -26.48
C SER A 502 -11.64 7.59 -27.49
N ARG A 503 -12.50 6.59 -27.44
CA ARG A 503 -13.67 6.45 -28.33
C ARG A 503 -14.60 7.68 -28.25
N LYS A 504 -14.96 8.09 -27.03
CA LYS A 504 -15.86 9.24 -26.81
C LYS A 504 -15.32 10.53 -27.39
N PHE A 505 -14.16 10.94 -26.89
CA PHE A 505 -13.63 12.29 -27.13
C PHE A 505 -12.88 12.49 -28.45
N GLY A 506 -12.72 11.43 -29.25
CA GLY A 506 -11.99 11.53 -30.51
C GLY A 506 -10.52 11.85 -30.30
N ILE A 507 -9.95 11.25 -29.26
CA ILE A 507 -8.53 11.33 -28.96
C ILE A 507 -7.95 9.96 -29.32
N PRO A 508 -7.03 9.89 -30.30
CA PRO A 508 -6.56 8.59 -30.79
C PRO A 508 -5.63 7.88 -29.82
N LEU A 509 -5.77 6.56 -29.68
CA LEU A 509 -4.88 5.75 -28.84
C LEU A 509 -4.44 4.50 -29.58
N ALA A 510 -3.12 4.28 -29.66
CA ALA A 510 -2.59 3.04 -30.25
C ALA A 510 -2.84 1.83 -29.34
N SER A 511 -2.53 1.98 -28.05
CA SER A 511 -2.61 0.83 -27.11
C SER A 511 -2.52 1.25 -25.64
N THR A 512 -2.71 0.26 -24.75
CA THR A 512 -2.43 0.37 -23.30
C THR A 512 -0.95 0.71 -23.02
N GLN A 513 -0.06 0.21 -23.88
CA GLN A 513 1.38 0.49 -23.79
C GLN A 513 1.73 1.97 -24.13
N GLN A 514 0.86 2.63 -24.89
CA GLN A 514 1.00 4.06 -25.21
C GLN A 514 0.51 5.03 -24.10
N LEU A 515 -0.06 4.50 -23.01
CA LEU A 515 -0.45 5.31 -21.83
C LEU A 515 0.75 5.90 -21.04
N ILE A 516 1.97 5.50 -21.39
CA ILE A 516 3.20 6.02 -20.79
C ILE A 516 3.68 7.35 -21.41
N VAL A 517 3.08 7.78 -22.52
CA VAL A 517 3.46 9.05 -23.14
C VAL A 517 2.75 10.17 -22.39
N PRO A 518 3.50 11.06 -21.70
CA PRO A 518 2.91 12.25 -21.07
C PRO A 518 1.81 12.99 -21.84
N ASP A 519 2.04 13.29 -23.11
CA ASP A 519 1.05 14.07 -23.87
C ASP A 519 -0.21 13.28 -24.18
N VAL A 520 -0.06 11.98 -24.45
CA VAL A 520 -1.21 11.08 -24.63
C VAL A 520 -1.97 11.02 -23.31
N ASN A 521 -1.30 10.52 -22.27
CA ASN A 521 -1.87 10.27 -20.94
C ASN A 521 -2.63 11.45 -20.35
N ILE A 522 -2.11 12.67 -20.51
CA ILE A 522 -2.75 13.88 -19.98
C ILE A 522 -4.01 14.25 -20.76
N ARG A 523 -4.01 14.12 -22.09
CA ARG A 523 -5.21 14.43 -22.90
C ARG A 523 -6.41 13.64 -22.41
N LEU A 524 -6.30 12.32 -22.48
CA LEU A 524 -7.40 11.43 -22.09
C LEU A 524 -7.59 11.31 -20.55
N GLY A 525 -6.60 11.72 -19.77
CA GLY A 525 -6.79 11.89 -18.34
C GLY A 525 -7.67 13.09 -18.05
N ALA A 526 -7.26 14.24 -18.57
CA ALA A 526 -7.99 15.50 -18.39
C ALA A 526 -9.37 15.49 -19.04
N ALA A 527 -9.55 14.63 -20.04
CA ALA A 527 -10.87 14.41 -20.66
C ALA A 527 -11.83 13.76 -19.68
N TYR A 528 -11.43 12.60 -19.16
CA TYR A 528 -12.23 11.86 -18.19
C TYR A 528 -12.49 12.68 -16.92
N LEU A 529 -11.53 13.53 -16.56
CA LEU A 529 -11.67 14.44 -15.43
C LEU A 529 -12.83 15.44 -15.62
N SER A 530 -12.90 16.10 -16.77
CA SER A 530 -13.98 17.08 -17.06
C SER A 530 -15.36 16.43 -17.17
N GLN A 531 -15.37 15.16 -17.56
CA GLN A 531 -16.60 14.38 -17.66
C GLN A 531 -17.22 14.18 -16.27
N VAL A 532 -16.45 13.62 -15.34
CA VAL A 532 -16.90 13.46 -13.95
C VAL A 532 -17.09 14.80 -13.24
N HIS A 533 -16.27 15.80 -13.57
CA HIS A 533 -16.54 17.17 -13.14
C HIS A 533 -17.97 17.58 -13.52
N SER A 534 -18.34 17.36 -14.79
CA SER A 534 -19.69 17.72 -15.29
C SER A 534 -20.79 16.81 -14.76
N GLN A 535 -20.44 15.57 -14.45
CA GLN A 535 -21.41 14.64 -13.88
C GLN A 535 -21.84 15.01 -12.45
N PHE A 536 -20.99 15.76 -11.75
CA PHE A 536 -21.30 16.22 -10.39
C PHE A 536 -21.26 17.74 -10.27
N ASN A 537 -21.76 18.43 -11.30
CA ASN A 537 -22.06 19.88 -11.26
C ASN A 537 -20.87 20.73 -10.80
N GLY A 538 -19.68 20.37 -11.26
CA GLY A 538 -18.47 21.10 -10.94
C GLY A 538 -17.93 20.97 -9.52
N ASN A 539 -18.32 19.90 -8.84
CA ASN A 539 -17.92 19.66 -7.46
C ASN A 539 -16.64 18.80 -7.46
N ARG A 540 -15.50 19.44 -7.16
CA ARG A 540 -14.21 18.76 -7.18
C ARG A 540 -14.09 17.65 -6.12
N VAL A 541 -14.83 17.79 -5.02
CA VAL A 541 -14.82 16.77 -3.96
C VAL A 541 -15.44 15.49 -4.52
N LEU A 542 -16.66 15.61 -5.04
CA LEU A 542 -17.35 14.47 -5.64
C LEU A 542 -16.57 13.99 -6.86
N ALA A 543 -16.32 14.88 -7.81
CA ALA A 543 -15.60 14.57 -9.05
C ALA A 543 -14.28 13.86 -8.82
N SER A 544 -13.50 14.31 -7.83
CA SER A 544 -12.25 13.63 -7.46
C SER A 544 -12.54 12.18 -7.10
N ALA A 545 -13.42 11.99 -6.14
CA ALA A 545 -13.78 10.65 -5.68
C ALA A 545 -14.15 9.75 -6.87
N ALA A 546 -14.94 10.29 -7.78
CA ALA A 546 -15.41 9.56 -8.95
C ALA A 546 -14.25 9.11 -9.82
N TYR A 547 -13.30 10.01 -10.03
CA TYR A 547 -12.07 9.70 -10.76
C TYR A 547 -11.37 8.44 -10.19
N ASN A 548 -11.27 8.34 -8.87
CA ASN A 548 -10.60 7.23 -8.20
C ASN A 548 -11.46 5.99 -8.01
N ALA A 549 -12.79 6.15 -7.88
CA ALA A 549 -13.66 5.03 -7.47
C ALA A 549 -14.83 4.70 -8.39
N GLY A 550 -15.07 5.52 -9.40
CA GLY A 550 -16.18 5.30 -10.33
C GLY A 550 -17.40 6.09 -9.88
N PRO A 551 -18.07 6.83 -10.81
CA PRO A 551 -19.20 7.67 -10.42
C PRO A 551 -20.34 6.91 -9.73
N GLY A 552 -20.52 5.64 -10.08
CA GLY A 552 -21.54 4.80 -9.45
C GLY A 552 -21.28 4.51 -8.00
N ARG A 553 -20.00 4.49 -7.61
CA ARG A 553 -19.61 4.45 -6.18
C ARG A 553 -20.05 5.72 -5.45
N VAL A 554 -19.72 6.86 -6.04
CA VAL A 554 -19.96 8.16 -5.43
C VAL A 554 -21.46 8.40 -5.27
N ARG A 555 -22.23 7.98 -6.28
CA ARG A 555 -23.70 8.01 -6.20
C ARG A 555 -24.21 7.19 -5.02
N GLN A 556 -23.64 6.00 -4.82
CA GLN A 556 -23.99 5.16 -3.68
C GLN A 556 -23.67 5.83 -2.33
N TRP A 557 -22.53 6.54 -2.26
CA TRP A 557 -22.14 7.29 -1.05
C TRP A 557 -22.90 8.62 -0.86
N LEU A 558 -23.78 8.97 -1.80
CA LEU A 558 -24.67 10.13 -1.68
C LEU A 558 -26.12 9.80 -1.34
N LYS A 559 -26.56 8.55 -1.48
CA LYS A 559 -27.92 8.17 -1.05
C LYS A 559 -27.97 8.04 0.46
N ASP A 560 -29.09 8.34 1.12
CA ASP A 560 -30.08 9.34 0.76
C ASP A 560 -29.66 10.47 1.70
N THR A 561 -29.19 11.58 1.15
CA THR A 561 -28.63 12.65 1.97
C THR A 561 -29.44 13.90 1.88
N ARG A 562 -29.11 14.84 2.76
CA ARG A 562 -29.80 16.10 2.86
C ARG A 562 -28.93 17.12 3.60
N HIS A 563 -28.41 18.10 2.85
CA HIS A 563 -27.57 19.19 3.39
C HIS A 563 -26.36 18.65 4.15
N LEU A 564 -25.68 17.68 3.58
CA LEU A 564 -24.50 17.09 4.20
C LEU A 564 -23.29 18.00 3.96
N ALA A 565 -22.56 18.31 5.04
CA ALA A 565 -21.31 19.07 4.94
C ALA A 565 -20.22 18.25 4.25
N PHE A 566 -19.37 18.95 3.50
CA PHE A 566 -18.35 18.31 2.68
C PHE A 566 -17.33 17.53 3.52
N ASP A 567 -16.90 18.10 4.63
CA ASP A 567 -15.90 17.43 5.50
C ASP A 567 -16.46 16.16 6.17
N VAL A 568 -17.72 16.18 6.56
CA VAL A 568 -18.37 14.98 7.10
C VAL A 568 -18.46 13.92 6.01
N TRP A 569 -18.77 14.34 4.77
CA TRP A 569 -18.88 13.40 3.66
C TRP A 569 -17.53 12.74 3.39
N ILE A 570 -16.50 13.57 3.26
CA ILE A 570 -15.17 13.04 2.99
C ILE A 570 -14.76 12.10 4.09
N GLU A 571 -14.94 12.54 5.34
CA GLU A 571 -14.51 11.72 6.46
C GLU A 571 -15.20 10.35 6.50
N THR A 572 -16.47 10.29 6.06
CA THR A 572 -17.24 9.05 6.06
C THR A 572 -17.20 8.28 4.73
N ILE A 573 -16.14 8.44 3.94
CA ILE A 573 -16.01 7.64 2.70
C ILE A 573 -15.63 6.19 3.08
N PRO A 574 -16.42 5.21 2.62
CA PRO A 574 -16.21 3.80 2.99
C PRO A 574 -14.83 3.21 2.67
N PHE A 575 -14.24 3.65 1.57
CA PHE A 575 -12.96 3.13 1.11
C PHE A 575 -11.84 4.00 1.68
N ASP A 576 -10.84 3.37 2.28
CA ASP A 576 -9.67 4.09 2.80
C ASP A 576 -8.83 4.76 1.70
N GLU A 577 -8.68 4.07 0.58
CA GLU A 577 -7.97 4.60 -0.56
C GLU A 577 -8.62 5.89 -1.03
N THR A 578 -9.91 5.83 -1.29
CA THR A 578 -10.61 6.97 -1.85
C THR A 578 -10.72 8.15 -0.89
N ARG A 579 -10.79 7.87 0.42
CA ARG A 579 -10.82 8.94 1.40
C ARG A 579 -9.49 9.68 1.38
N GLN A 580 -8.40 8.94 1.52
CA GLN A 580 -7.05 9.54 1.53
C GLN A 580 -6.74 10.26 0.23
N TYR A 581 -7.11 9.63 -0.86
CA TYR A 581 -6.95 10.20 -2.19
C TYR A 581 -7.58 11.58 -2.28
N VAL A 582 -8.86 11.67 -1.92
CA VAL A 582 -9.60 12.94 -1.98
C VAL A 582 -8.93 14.00 -1.09
N GLN A 583 -8.57 13.62 0.13
CA GLN A 583 -7.90 14.53 1.03
C GLN A 583 -6.59 15.04 0.43
N ASN A 584 -5.79 14.14 -0.11
CA ASN A 584 -4.52 14.54 -0.74
C ASN A 584 -4.76 15.49 -1.92
N VAL A 585 -5.64 15.13 -2.84
CA VAL A 585 -5.91 15.95 -4.05
C VAL A 585 -6.33 17.38 -3.68
N LEU A 586 -7.25 17.49 -2.73
CA LEU A 586 -7.72 18.79 -2.27
C LEU A 586 -6.58 19.61 -1.64
N SER A 587 -5.74 18.95 -0.85
CA SER A 587 -4.60 19.61 -0.24
C SER A 587 -3.60 20.07 -1.30
N TYR A 588 -3.24 19.15 -2.19
CA TYR A 588 -2.27 19.43 -3.24
C TYR A 588 -2.73 20.56 -4.17
N ALA A 589 -4.05 20.66 -4.38
CA ALA A 589 -4.62 21.75 -5.14
C ALA A 589 -4.42 23.12 -4.47
N VAL A 590 -4.53 23.17 -3.13
CA VAL A 590 -4.18 24.39 -2.37
C VAL A 590 -2.74 24.82 -2.68
N ILE A 591 -1.83 23.86 -2.59
CA ILE A 591 -0.41 24.12 -2.69
C ILE A 591 -0.03 24.50 -4.13
N TYR A 592 -0.46 23.69 -5.10
CA TYR A 592 -0.26 24.03 -6.51
C TYR A 592 -1.00 25.30 -6.93
N GLY A 593 -2.06 25.66 -6.21
CA GLY A 593 -2.73 26.94 -6.40
C GLY A 593 -1.81 28.11 -6.09
N GLN A 594 -1.12 28.03 -4.97
CA GLN A 594 -0.11 29.02 -4.58
C GLN A 594 1.08 29.04 -5.57
N LYS A 595 1.62 27.87 -5.88
CA LYS A 595 2.74 27.75 -6.83
C LYS A 595 2.37 28.18 -8.27
N LEU A 596 1.13 27.92 -8.71
CA LEU A 596 0.62 28.49 -9.99
C LEU A 596 0.13 29.96 -9.86
N ASN A 597 0.28 30.56 -8.67
CA ASN A 597 -0.21 31.91 -8.38
C ASN A 597 -1.70 32.13 -8.77
N ALA A 598 -2.51 31.09 -8.60
CA ALA A 598 -3.95 31.10 -8.80
C ALA A 598 -4.54 30.47 -7.55
N PRO A 599 -4.56 31.21 -6.41
CA PRO A 599 -5.00 30.70 -5.10
C PRO A 599 -6.26 29.84 -5.13
N GLN A 600 -6.26 28.77 -4.35
CA GLN A 600 -7.35 27.79 -4.31
C GLN A 600 -7.66 27.50 -2.85
N PRO A 601 -8.82 27.97 -2.34
CA PRO A 601 -9.22 27.53 -1.01
C PRO A 601 -9.53 26.04 -0.98
N ILE A 602 -9.49 25.45 0.21
CA ILE A 602 -9.64 24.00 0.38
C ILE A 602 -10.94 23.47 -0.23
N VAL A 603 -12.04 24.22 -0.05
CA VAL A 603 -13.26 24.00 -0.84
C VAL A 603 -13.83 25.29 -1.35
N ASP A 604 -14.42 25.21 -2.54
CA ASP A 604 -15.18 26.32 -3.11
C ASP A 604 -16.54 26.46 -2.40
N TRP A 605 -17.16 27.62 -2.58
CA TRP A 605 -18.44 27.94 -1.96
C TRP A 605 -19.50 26.92 -2.30
N HIS A 606 -19.57 26.53 -3.57
CA HIS A 606 -20.62 25.64 -4.08
C HIS A 606 -20.45 24.16 -3.71
N GLU A 607 -19.30 23.80 -3.12
CA GLU A 607 -18.94 22.43 -2.75
C GLU A 607 -19.23 22.11 -1.29
N ARG A 608 -19.53 23.12 -0.48
CA ARG A 608 -19.58 22.99 0.99
C ARG A 608 -20.71 22.15 1.55
N TYR A 609 -21.83 22.10 0.84
CA TYR A 609 -22.96 21.22 1.17
C TYR A 609 -23.45 20.56 -0.09
N PHE A 610 -23.81 19.28 0.02
CA PHE A 610 -24.42 18.54 -1.09
C PHE A 610 -25.19 17.33 -0.63
N ASP A 611 -26.01 16.82 -1.54
CA ASP A 611 -26.91 15.70 -1.29
C ASP A 611 -27.43 15.13 -2.61
N ASP A 612 -28.21 14.04 -2.56
CA ASP A 612 -28.94 13.56 -3.76
C ASP A 612 -30.42 14.00 -3.78
N PHE A 613 -30.74 15.07 -3.05
CA PHE A 613 -32.11 15.52 -2.84
C PHE A 613 -32.51 16.59 -3.87
N ALA B 1 -10.22 1.63 -6.97
CA ALA B 1 -10.48 1.52 -5.53
C ALA B 1 -11.34 0.27 -5.24
N DGL B 2 -11.06 -0.47 -4.00
CA DGL B 2 -11.81 -1.68 -3.61
C DGL B 2 -11.17 -2.94 -4.23
O DGL B 2 -11.44 -3.29 -5.36
CB DGL B 2 -11.81 -1.83 -2.07
CG DGL B 2 -12.68 -0.73 -1.44
CD DGL B 2 -12.67 -0.83 0.10
OE1 DGL B 2 -11.77 -0.32 0.73
C API B 3 -12.77 -2.80 2.59
CA API B 3 -13.80 -1.71 2.25
C3 API B 3 -15.19 -2.16 2.76
C4 API B 3 -16.33 -1.29 2.22
C5 API B 3 -17.65 -1.61 2.96
C6 API B 3 -18.19 -3.02 2.61
C7 API B 3 -19.72 -2.96 2.41
O API B 3 -12.12 -2.72 3.60
O3 API B 3 -20.28 -3.50 1.20
O4 API B 3 -20.44 -2.47 3.26
N API B 3 -13.77 -1.55 0.77
N6 API B 3 -17.93 -3.97 3.71
N DAL B 4 -12.62 -3.91 1.63
CA DAL B 4 -11.70 -5.06 1.74
CB DAL B 4 -10.30 -4.63 2.26
C DAL B 4 -11.58 -5.70 0.33
O DAL B 4 -12.47 -5.26 -0.71
OXT DAL B 4 -10.77 -6.57 0.09
N ALA C 1 4.48 6.99 -2.54
CA ALA C 1 5.91 7.31 -2.45
C ALA C 1 6.08 8.51 -1.49
N DGL C 2 5.09 9.40 -1.46
CA DGL C 2 4.94 10.59 -0.61
C DGL C 2 4.72 11.85 -1.43
O DGL C 2 3.88 11.68 -2.42
CB DGL C 2 3.70 10.32 0.27
CG DGL C 2 3.94 10.11 1.76
CD DGL C 2 3.11 11.00 2.65
OE1 DGL C 2 2.00 11.42 2.28
C API C 3 1.61 11.51 5.20
CA API C 3 2.97 12.13 4.85
C3 API C 3 2.95 13.62 4.42
C4 API C 3 2.70 14.61 5.55
C5 API C 3 1.98 15.89 5.13
C6 API C 3 2.87 17.09 4.80
C7 API C 3 3.36 17.81 6.08
O API C 3 1.69 10.48 5.87
O3 API C 3 3.79 19.16 5.99
O4 API C 3 3.39 17.25 7.16
N API C 3 3.63 11.30 3.85
N6 API C 3 2.05 18.02 3.82
N DAL C 4 0.44 12.03 4.78
CA DAL C 4 -0.84 11.42 5.10
CB DAL C 4 -1.99 12.30 4.58
C DAL C 4 -1.01 11.24 6.60
O DAL C 4 -1.42 10.03 6.94
OXT DAL C 4 -0.75 12.11 7.40
C1 NAG D . -1.58 5.57 -6.34
C2 NAG D . -1.71 4.47 -7.43
C3 NAG D . -3.00 4.84 -8.18
C4 NAG D . -4.19 4.75 -7.24
C5 NAG D . -3.95 5.75 -6.09
C6 NAG D . -4.92 5.69 -4.93
C7 NAG D . 0.46 3.79 -8.43
C8 NAG D . 1.50 4.12 -9.44
N2 NAG D . -0.60 4.62 -8.36
O3 NAG D . -3.05 3.88 -9.22
O4 NAG D . -5.45 5.08 -7.90
O5 NAG D . -2.65 5.43 -5.48
O6 NAG D . -4.60 6.65 -3.91
O7 NAG D . 0.60 2.80 -7.70
C1 AMU D . -6.06 4.51 -9.05
C2 AMU D . -6.94 3.24 -8.83
C3 AMU D . -8.05 3.04 -9.89
C4 AMU D . -8.62 4.30 -10.49
C5 AMU D . -7.40 5.17 -10.86
C6 AMU D . -7.80 6.40 -11.61
C7 AMU D . -5.67 1.38 -7.79
C8 AMU D . -4.80 0.18 -8.01
C9 AMU D . -9.09 0.83 -9.14
C10 AMU D . -9.34 0.67 -7.64
C11 AMU D . -10.16 0.16 -9.95
O3 AMU D . -9.12 2.25 -9.37
O4 AMU D . -9.48 4.02 -11.60
O5 AMU D . -6.84 5.58 -9.63
O6 AMU D . -6.73 7.32 -11.70
O7 AMU D . -5.97 1.68 -6.64
O10 AMU D . -8.76 -0.38 -6.87
N2 AMU D . -6.08 2.06 -8.86
C1 NAG D . -10.86 4.32 -11.70
C2 NAG D . -11.21 4.83 -13.10
C3 NAG D . -12.71 4.87 -13.31
C4 NAG D . -13.42 3.59 -12.91
C5 NAG D . -13.00 3.26 -11.46
C6 NAG D . -13.66 1.96 -11.02
C7 NAG D . -9.80 6.64 -14.23
C8 NAG D . -9.21 5.71 -15.22
N2 NAG D . -10.66 6.16 -13.31
O3 NAG D . -13.04 5.18 -14.66
O4 NAG D . -14.83 3.77 -13.04
O5 NAG D . -11.59 3.08 -11.44
O6 NAG D . -13.23 1.59 -9.73
O7 NAG D . -9.41 7.81 -14.28
C1 GOL E . -27.79 21.95 -1.48
O1 GOL E . -27.54 21.06 -0.39
C2 GOL E . -28.36 21.21 -2.71
O2 GOL E . -27.65 19.98 -2.93
C3 GOL E . -29.86 20.94 -2.53
O3 GOL E . -30.28 19.73 -3.19
C ACT F . -19.63 24.49 6.11
O ACT F . -20.20 23.39 5.91
OXT ACT F . -18.52 24.76 5.60
CH3 ACT F . -20.27 25.52 6.99
C1 AH0 G . 3.13 5.86 -5.90
C2 AH0 G . 2.62 4.99 -4.72
N2 AH0 G . 2.38 3.65 -5.23
C7 AH0 G . 2.42 2.54 -4.46
O7 AH0 G . 2.66 2.54 -3.24
C8 AH0 G . 2.16 1.24 -5.17
C3 AH0 G . 1.39 5.59 -3.99
O3 AH0 G . 1.71 6.55 -2.97
C4 AH0 G . 0.48 6.27 -5.01
O4 AH0 G . -0.35 5.34 -5.69
C5 AH0 G . 1.24 7.03 -6.12
O5 AH0 G . 2.11 6.13 -6.86
C6 AH0 G . 2.35 8.01 -5.85
O6 AH0 G . 3.48 7.17 -5.46
CA AH0 G . 2.27 6.26 -1.70
CB AH0 G . 1.45 7.07 -0.69
C AH0 G . 3.76 6.54 -1.51
O AH0 G . 4.22 6.32 -0.38
#